data_1FMW
#
_entry.id   1FMW
#
_cell.length_a   104.100
_cell.length_b   180.400
_cell.length_c   54.200
_cell.angle_alpha   90.00
_cell.angle_beta   90.00
_cell.angle_gamma   90.00
#
_symmetry.space_group_name_H-M   'P 21 21 2'
#
loop_
_entity.id
_entity.type
_entity.pdbx_description
1 polymer 'MYOSIN II HEAVY CHAIN'
2 non-polymer 'MAGNESIUM ION'
3 non-polymer "ADENOSINE-5'-TRIPHOSPHATE"
4 water water
#
_entity_poly.entity_id   1
_entity_poly.type   'polypeptide(L)'
_entity_poly.pdbx_seq_one_letter_code
;MNPIHDRTSDYHKYLKVKQGDSDLFKLTVSDKRYIWYNPDPKERDSYECGEIVSETSDSFTFKTVDGQDRQVKKDDANQR
NPIKFDGVEDMSELSYLNEPAVFHNLRVRYNQDLIYTYSGLFLVAVNPFKRIPIYTQEMVDIFKGRRRNEVAPHIFAISD
VAYRSMLDDRQNQSLLITGESGAGKTENTKKVIQYLASVAGRNQANGSGVLEQQILQANPILEAFGNAKTTRNNNSSRFG
KFIEIQFNNAGFISGASIQSYLLEKSRVVFQSETERNYHIFYQLLAGATAEEKKALHLAGPESFNYLNQSGCVDIKGVSD
SEEFKITRQAMDIVGFSQEEQMSIFKIIAGILHLGNIKFEKGAGEGAVLKDKTALNAASTVFGVNPSVLEKALMEPRILA
GRDLVAQHLNVEKSSSSRDALVKALYGRLFLWLVKKINNVLCQERKAYFIGVLDISGFEIFKVNSFEQLCINYTNEKLQQ
FFNHHMFKVEQEEYLKEKINWTFIDFGLDSQATIDLIDGRQPPGILALLDEQSVFPNATDNTLITKLHSHFSKKNAKYEE
PRFSKTEFGVTHYAGQVMYEIQDWLEKNKDPLQQDLELCFKDSSDNVVTKLFNDPNIASRAKKGANFITVAAQYKEQLAS
LMATLETTNPHFVRCIIPNNKQLPAKLEDKVVLDQLRCNGVLEGIRITRKGFPNRIIYADFVKRYYLLAPNVPRDAEDSQ
KATDAVLKHLNIDPEQYRFGITKIFFRAGQLARIEEAREPN
;
_entity_poly.pdbx_strand_id   A
#
# COMPACT_ATOMS: atom_id res chain seq x y z
N ASN A 2 6.75 18.74 -30.08
CA ASN A 2 5.68 17.94 -29.47
C ASN A 2 6.06 16.49 -29.19
N PRO A 3 6.60 16.32 -27.99
CA PRO A 3 7.07 15.08 -27.45
C PRO A 3 6.19 13.90 -27.75
N ILE A 4 4.90 14.11 -27.68
CA ILE A 4 4.00 12.99 -27.95
C ILE A 4 4.10 12.60 -29.41
N HIS A 5 4.55 13.57 -30.17
CA HIS A 5 4.68 13.37 -31.60
C HIS A 5 6.12 13.19 -32.07
N ASP A 6 7.06 13.73 -31.27
CA ASP A 6 8.49 13.64 -31.58
C ASP A 6 9.04 12.27 -31.19
N ARG A 7 8.96 11.33 -32.11
CA ARG A 7 9.44 9.97 -31.85
C ARG A 7 10.84 9.84 -31.27
N THR A 8 11.50 10.99 -31.14
CA THR A 8 12.87 11.11 -30.63
C THR A 8 12.87 11.57 -29.20
N SER A 9 11.70 12.00 -28.76
CA SER A 9 11.60 12.48 -27.40
C SER A 9 11.85 11.41 -26.34
N ASP A 10 12.31 11.89 -25.17
CA ASP A 10 12.56 11.01 -24.04
C ASP A 10 11.23 10.30 -23.72
N TYR A 11 10.13 11.04 -23.95
CA TYR A 11 8.74 10.60 -23.72
C TYR A 11 8.57 9.31 -24.47
N HIS A 12 8.99 9.34 -25.73
CA HIS A 12 8.86 8.14 -26.52
C HIS A 12 9.80 7.04 -26.04
N LYS A 13 10.97 7.46 -25.75
CA LYS A 13 11.97 6.58 -25.32
C LYS A 13 11.64 5.77 -24.08
N TYR A 14 11.27 6.50 -23.06
CA TYR A 14 10.96 5.92 -21.77
C TYR A 14 9.53 5.48 -21.44
N LEU A 15 8.57 6.04 -22.15
CA LEU A 15 7.20 5.71 -21.88
C LEU A 15 6.44 4.88 -22.91
N LYS A 16 6.98 4.78 -24.12
CA LYS A 16 6.28 4.02 -25.17
C LYS A 16 7.02 2.85 -25.76
N VAL A 17 6.27 1.92 -26.33
CA VAL A 17 6.93 0.79 -26.97
C VAL A 17 7.45 1.43 -28.29
N LYS A 18 8.74 1.28 -28.65
CA LYS A 18 9.26 1.89 -29.87
C LYS A 18 8.48 1.58 -31.15
N GLN A 19 8.16 2.66 -31.87
CA GLN A 19 7.43 2.54 -33.12
C GLN A 19 8.29 2.62 -34.40
N GLY A 20 8.11 1.66 -35.29
CA GLY A 20 8.85 1.62 -36.53
C GLY A 20 8.33 2.60 -37.58
N ASP A 21 8.41 2.15 -38.83
CA ASP A 21 7.98 2.95 -39.95
C ASP A 21 6.68 2.47 -40.55
N SER A 22 6.30 1.24 -40.22
CA SER A 22 5.08 0.68 -40.75
C SER A 22 4.10 0.25 -39.69
N ASP A 23 2.85 0.47 -40.10
CA ASP A 23 1.61 0.20 -39.41
C ASP A 23 1.01 -1.10 -39.90
N LEU A 24 1.32 -1.36 -41.14
CA LEU A 24 0.86 -2.51 -41.86
C LEU A 24 0.67 -3.79 -41.07
N PHE A 25 -0.59 -4.23 -41.07
CA PHE A 25 -1.07 -5.42 -40.39
C PHE A 25 -0.21 -6.63 -40.79
N LYS A 26 0.15 -6.65 -42.10
CA LYS A 26 0.97 -7.63 -42.79
C LYS A 26 2.27 -8.07 -42.06
N LEU A 27 3.05 -7.11 -41.47
CA LEU A 27 4.31 -7.44 -40.76
C LEU A 27 4.17 -8.60 -39.79
N THR A 28 3.18 -8.40 -38.94
CA THR A 28 2.82 -9.31 -37.90
C THR A 28 2.31 -10.68 -38.34
N VAL A 29 2.16 -10.88 -39.64
CA VAL A 29 1.68 -12.16 -40.12
C VAL A 29 2.58 -13.37 -39.83
N SER A 30 1.90 -14.43 -39.43
CA SER A 30 2.47 -15.72 -39.10
C SER A 30 1.39 -16.80 -39.15
N ASP A 31 1.81 -18.03 -39.15
CA ASP A 31 0.86 -19.10 -39.22
C ASP A 31 0.86 -19.95 -37.98
N LYS A 32 1.91 -19.75 -37.17
CA LYS A 32 2.14 -20.44 -35.91
C LYS A 32 1.13 -20.02 -34.83
N ARG A 33 0.77 -20.98 -33.96
CA ARG A 33 -0.18 -20.78 -32.87
C ARG A 33 0.42 -21.34 -31.60
N TYR A 34 0.43 -20.54 -30.55
CA TYR A 34 0.99 -21.02 -29.32
C TYR A 34 0.05 -21.02 -28.10
N ILE A 35 0.48 -21.71 -27.03
CA ILE A 35 -0.23 -21.82 -25.76
C ILE A 35 0.81 -21.59 -24.69
N TRP A 36 0.35 -21.21 -23.50
CA TRP A 36 1.24 -20.98 -22.37
C TRP A 36 1.10 -22.26 -21.55
N TYR A 37 2.20 -22.97 -21.34
CA TYR A 37 2.13 -24.21 -20.57
C TYR A 37 3.13 -24.24 -19.41
N ASN A 38 2.78 -25.03 -18.37
CA ASN A 38 3.58 -25.26 -17.15
C ASN A 38 4.39 -26.51 -17.41
N PRO A 39 5.67 -26.29 -17.69
CA PRO A 39 6.61 -27.36 -17.97
C PRO A 39 6.70 -28.28 -16.76
N ASP A 40 6.38 -27.73 -15.62
CA ASP A 40 6.41 -28.50 -14.40
C ASP A 40 5.18 -28.15 -13.62
N PRO A 41 4.19 -29.04 -13.74
CA PRO A 41 2.88 -29.00 -13.12
C PRO A 41 2.90 -28.61 -11.66
N LYS A 42 4.03 -28.87 -11.01
CA LYS A 42 4.14 -28.52 -9.61
C LYS A 42 4.23 -26.99 -9.47
N GLU A 43 5.13 -26.38 -10.29
CA GLU A 43 5.37 -24.94 -10.37
C GLU A 43 4.46 -24.42 -11.46
N ARG A 44 3.27 -24.01 -11.04
CA ARG A 44 2.24 -23.53 -11.94
C ARG A 44 2.34 -22.09 -12.38
N ASP A 45 3.26 -21.34 -11.80
CA ASP A 45 3.36 -19.97 -12.20
C ASP A 45 4.49 -19.75 -13.18
N SER A 46 5.26 -20.83 -13.37
CA SER A 46 6.36 -20.82 -14.31
C SER A 46 5.78 -21.50 -15.57
N TYR A 47 5.67 -20.74 -16.65
CA TYR A 47 5.13 -21.31 -17.86
C TYR A 47 6.09 -21.18 -18.98
N GLU A 48 5.85 -21.96 -20.01
CA GLU A 48 6.71 -21.90 -21.18
C GLU A 48 5.79 -21.76 -22.38
N CYS A 49 6.29 -21.28 -23.51
CA CYS A 49 5.46 -21.13 -24.70
C CYS A 49 5.59 -22.38 -25.54
N GLY A 50 4.50 -22.89 -26.03
CA GLY A 50 4.61 -24.09 -26.80
C GLY A 50 3.78 -23.98 -28.02
N GLU A 51 4.36 -24.34 -29.10
CA GLU A 51 3.57 -24.22 -30.27
C GLU A 51 2.62 -25.38 -30.42
N ILE A 52 1.41 -25.04 -30.86
CA ILE A 52 0.35 -26.00 -31.09
C ILE A 52 0.66 -26.55 -32.47
N VAL A 53 1.00 -27.86 -32.51
CA VAL A 53 1.35 -28.63 -33.72
C VAL A 53 0.14 -29.28 -34.39
N SER A 54 -0.95 -29.43 -33.61
CA SER A 54 -2.21 -30.03 -34.08
C SER A 54 -3.36 -29.87 -33.15
N GLU A 55 -4.47 -30.26 -33.67
CA GLU A 55 -5.61 -30.16 -32.85
C GLU A 55 -6.64 -31.18 -33.19
N THR A 56 -7.33 -31.53 -32.12
CA THR A 56 -8.43 -32.46 -32.12
C THR A 56 -9.61 -31.53 -31.91
N SER A 57 -10.82 -32.04 -31.92
CA SER A 57 -12.03 -31.24 -31.74
C SER A 57 -12.19 -30.75 -30.30
N ASP A 58 -11.64 -31.57 -29.40
CA ASP A 58 -11.64 -31.40 -27.95
C ASP A 58 -10.35 -30.92 -27.26
N SER A 59 -9.20 -31.04 -27.93
CA SER A 59 -7.95 -30.66 -27.31
C SER A 59 -7.02 -29.95 -28.26
N PHE A 60 -5.78 -29.97 -27.84
CA PHE A 60 -4.70 -29.38 -28.54
C PHE A 60 -3.44 -30.19 -28.30
N THR A 61 -2.66 -30.25 -29.28
CA THR A 61 -1.48 -31.00 -29.11
C THR A 61 -0.35 -30.02 -29.47
N PHE A 62 0.54 -29.72 -28.52
CA PHE A 62 1.63 -28.77 -28.78
C PHE A 62 3.04 -29.30 -28.53
N LYS A 63 4.03 -28.54 -28.96
CA LYS A 63 5.36 -29.01 -28.72
C LYS A 63 6.02 -28.11 -27.72
N THR A 64 6.70 -28.77 -26.82
CA THR A 64 7.42 -28.09 -25.77
C THR A 64 8.74 -27.53 -26.29
N VAL A 65 9.40 -26.82 -25.39
CA VAL A 65 10.70 -26.28 -25.66
C VAL A 65 11.65 -27.40 -26.06
N ASP A 66 11.58 -28.48 -25.33
CA ASP A 66 12.44 -29.59 -25.60
C ASP A 66 12.09 -30.33 -26.87
N GLY A 67 10.88 -30.08 -27.35
CA GLY A 67 10.41 -30.73 -28.53
C GLY A 67 9.55 -31.85 -28.01
N GLN A 68 9.15 -31.73 -26.73
CA GLN A 68 8.31 -32.74 -26.11
C GLN A 68 6.84 -32.43 -26.43
N ASP A 69 6.17 -33.35 -27.11
CA ASP A 69 4.76 -33.11 -27.44
C ASP A 69 3.85 -33.51 -26.25
N ARG A 70 2.79 -32.69 -26.03
CA ARG A 70 1.77 -32.80 -24.96
C ARG A 70 0.35 -32.48 -25.50
N GLN A 71 -0.66 -32.80 -24.74
CA GLN A 71 -1.99 -32.51 -25.23
C GLN A 71 -2.70 -31.84 -24.12
N VAL A 72 -3.62 -30.99 -24.51
CA VAL A 72 -4.40 -30.25 -23.56
C VAL A 72 -5.79 -30.04 -24.02
N LYS A 73 -6.62 -29.87 -23.03
CA LYS A 73 -7.99 -29.64 -23.34
C LYS A 73 -8.07 -28.22 -23.82
N LYS A 74 -8.83 -28.01 -24.87
CA LYS A 74 -9.01 -26.68 -25.40
C LYS A 74 -9.53 -25.75 -24.29
N ASP A 75 -10.44 -26.28 -23.46
CA ASP A 75 -11.00 -25.50 -22.38
C ASP A 75 -9.96 -25.23 -21.27
N ASP A 76 -9.00 -26.12 -21.10
CA ASP A 76 -8.01 -25.85 -20.06
C ASP A 76 -6.84 -25.09 -20.67
N ALA A 77 -6.90 -24.85 -21.97
CA ALA A 77 -5.84 -24.16 -22.65
C ALA A 77 -5.67 -22.67 -22.40
N ASN A 78 -4.39 -22.32 -22.23
CA ASN A 78 -3.95 -20.96 -22.02
C ASN A 78 -3.31 -20.54 -23.32
N GLN A 79 -4.16 -20.19 -24.25
CA GLN A 79 -3.73 -19.74 -25.55
C GLN A 79 -3.00 -18.41 -25.43
N ARG A 80 -1.99 -18.26 -26.29
CA ARG A 80 -1.18 -17.08 -26.31
C ARG A 80 -1.69 -16.05 -27.34
N ASN A 81 -1.81 -14.77 -26.91
CA ASN A 81 -2.30 -13.75 -27.86
C ASN A 81 -1.31 -13.48 -29.00
N PRO A 82 -1.84 -13.08 -30.13
CA PRO A 82 -1.03 -12.75 -31.27
C PRO A 82 -0.01 -11.67 -30.85
N ILE A 83 1.22 -11.85 -31.35
CA ILE A 83 2.37 -11.00 -31.12
C ILE A 83 2.06 -9.49 -31.16
N LYS A 84 1.15 -9.09 -32.04
CA LYS A 84 0.78 -7.70 -32.14
C LYS A 84 0.32 -7.19 -30.76
N PHE A 85 -0.27 -8.07 -29.94
CA PHE A 85 -0.74 -7.62 -28.62
C PHE A 85 0.35 -7.43 -27.62
N ASP A 86 1.51 -7.98 -27.93
CA ASP A 86 2.61 -7.86 -27.02
C ASP A 86 3.07 -6.44 -26.79
N GLY A 87 2.79 -5.93 -25.59
CA GLY A 87 3.14 -4.60 -25.18
C GLY A 87 1.98 -3.61 -25.16
N VAL A 88 0.72 -4.04 -25.39
CA VAL A 88 -0.36 -3.06 -25.34
C VAL A 88 -0.37 -2.38 -23.96
N GLU A 89 -0.88 -1.15 -23.95
CA GLU A 89 -0.92 -0.37 -22.74
C GLU A 89 -2.05 -0.68 -21.75
N ASP A 90 -3.01 -1.50 -22.18
CA ASP A 90 -4.12 -1.85 -21.30
C ASP A 90 -4.39 -3.32 -21.47
N MET A 91 -4.26 -4.08 -20.41
CA MET A 91 -4.51 -5.50 -20.57
C MET A 91 -5.90 -5.78 -21.05
N SER A 92 -6.76 -4.77 -20.90
CA SER A 92 -8.14 -4.93 -21.33
C SER A 92 -8.27 -5.10 -22.81
N GLU A 93 -7.13 -4.89 -23.43
CA GLU A 93 -7.04 -4.98 -24.84
C GLU A 93 -6.76 -6.41 -25.34
N LEU A 94 -6.24 -7.30 -24.48
CA LEU A 94 -5.94 -8.65 -24.90
C LEU A 94 -7.22 -9.40 -25.22
N SER A 95 -7.12 -10.37 -26.12
CA SER A 95 -8.21 -11.20 -26.57
C SER A 95 -8.32 -12.43 -25.65
N TYR A 96 -7.19 -13.09 -25.40
CA TYR A 96 -7.07 -14.26 -24.52
C TYR A 96 -6.64 -13.65 -23.23
N LEU A 97 -7.44 -13.85 -22.20
CA LEU A 97 -7.15 -13.29 -20.89
C LEU A 97 -6.82 -14.25 -19.80
N ASN A 98 -5.81 -15.06 -20.04
CA ASN A 98 -5.44 -16.00 -19.04
C ASN A 98 -4.38 -15.40 -18.11
N GLU A 99 -4.01 -16.13 -17.12
CA GLU A 99 -3.04 -15.61 -16.22
C GLU A 99 -1.66 -15.44 -16.82
N PRO A 100 -1.16 -16.47 -17.54
CA PRO A 100 0.19 -16.40 -18.14
C PRO A 100 0.29 -15.26 -19.16
N ALA A 101 -0.76 -15.14 -19.98
CA ALA A 101 -0.88 -14.11 -21.02
C ALA A 101 -0.75 -12.76 -20.37
N VAL A 102 -1.39 -12.60 -19.21
CA VAL A 102 -1.35 -11.34 -18.47
C VAL A 102 0.06 -11.00 -17.99
N PHE A 103 0.72 -11.98 -17.38
CA PHE A 103 2.06 -11.77 -16.88
C PHE A 103 3.01 -11.44 -18.06
N HIS A 104 2.75 -12.11 -19.17
CA HIS A 104 3.53 -11.95 -20.35
C HIS A 104 3.54 -10.52 -20.81
N ASN A 105 2.36 -10.01 -21.00
CA ASN A 105 2.27 -8.64 -21.45
C ASN A 105 2.95 -7.71 -20.45
N LEU A 106 2.79 -8.08 -19.25
CA LEU A 106 3.38 -7.26 -18.26
C LEU A 106 4.92 -7.24 -18.29
N ARG A 107 5.41 -8.41 -18.61
CA ARG A 107 6.82 -8.74 -18.72
C ARG A 107 7.42 -8.09 -19.98
N VAL A 108 6.73 -8.25 -21.14
CA VAL A 108 7.20 -7.63 -22.38
C VAL A 108 7.40 -6.17 -22.06
N ARG A 109 6.44 -5.57 -21.38
CA ARG A 109 6.58 -4.18 -21.04
C ARG A 109 7.74 -3.84 -20.10
N TYR A 110 7.93 -4.65 -19.08
CA TYR A 110 8.97 -4.40 -18.13
C TYR A 110 10.37 -4.54 -18.70
N ASN A 111 10.44 -5.43 -19.69
CA ASN A 111 11.66 -5.75 -20.42
C ASN A 111 12.14 -4.50 -21.10
N GLN A 112 11.23 -3.59 -21.43
CA GLN A 112 11.51 -2.34 -22.07
C GLN A 112 11.47 -1.25 -21.08
N ASP A 113 11.60 -1.62 -19.85
CA ASP A 113 11.54 -0.56 -18.88
C ASP A 113 10.21 0.12 -18.80
N LEU A 114 9.17 -0.54 -19.27
CA LEU A 114 7.88 0.13 -19.16
C LEU A 114 7.12 -0.41 -17.90
N ILE A 115 7.29 0.33 -16.77
CA ILE A 115 6.73 0.04 -15.47
C ILE A 115 5.23 0.22 -15.25
N TYR A 116 4.58 1.07 -16.05
CA TYR A 116 3.14 1.33 -15.94
C TYR A 116 2.35 0.72 -17.05
N THR A 117 1.32 0.01 -16.62
CA THR A 117 0.37 -0.66 -17.51
C THR A 117 -1.04 -0.64 -16.86
N TYR A 118 -2.10 -0.45 -17.68
CA TYR A 118 -3.44 -0.47 -17.14
C TYR A 118 -4.00 -1.86 -17.29
N SER A 119 -4.99 -2.14 -16.47
CA SER A 119 -5.74 -3.40 -16.46
C SER A 119 -7.15 -2.87 -16.21
N GLY A 120 -7.86 -2.42 -17.25
CA GLY A 120 -9.19 -1.86 -17.03
C GLY A 120 -9.05 -0.69 -16.07
N LEU A 121 -9.77 -0.81 -14.99
CA LEU A 121 -9.70 0.25 -14.05
C LEU A 121 -8.39 0.38 -13.36
N PHE A 122 -7.54 -0.63 -13.33
CA PHE A 122 -6.32 -0.36 -12.59
C PHE A 122 -5.08 0.12 -13.39
N LEU A 123 -4.21 0.82 -12.60
CA LEU A 123 -2.93 1.30 -13.05
C LEU A 123 -1.95 0.35 -12.31
N VAL A 124 -1.34 -0.56 -13.04
CA VAL A 124 -0.39 -1.45 -12.44
C VAL A 124 1.00 -0.77 -12.58
N ALA A 125 1.76 -0.80 -11.53
CA ALA A 125 3.08 -0.18 -11.52
C ALA A 125 4.18 -1.12 -11.03
N VAL A 126 5.07 -1.62 -11.89
CA VAL A 126 6.12 -2.51 -11.40
C VAL A 126 7.40 -1.80 -10.94
N ASN A 127 7.88 -2.07 -9.71
CA ASN A 127 9.10 -1.41 -9.21
C ASN A 127 10.24 -1.72 -10.11
N PRO A 128 10.89 -0.68 -10.66
CA PRO A 128 12.02 -0.86 -11.56
C PRO A 128 13.27 -1.22 -10.83
N PHE A 129 13.40 -0.69 -9.64
CA PHE A 129 14.57 -0.97 -8.89
C PHE A 129 15.81 -0.33 -9.47
N LYS A 130 15.62 0.79 -10.13
CA LYS A 130 16.66 1.59 -10.74
C LYS A 130 16.00 2.81 -11.22
N ARG A 131 16.72 3.89 -11.39
CA ARG A 131 16.07 5.09 -11.85
C ARG A 131 15.72 5.16 -13.36
N ILE A 132 14.56 5.74 -13.61
CA ILE A 132 13.91 6.00 -14.89
C ILE A 132 13.50 7.45 -14.81
N PRO A 133 14.08 8.25 -15.71
CA PRO A 133 13.83 9.69 -15.73
C PRO A 133 12.52 10.09 -16.36
N ILE A 134 11.38 9.69 -15.78
CA ILE A 134 10.09 10.03 -16.34
C ILE A 134 9.30 10.88 -15.38
N TYR A 135 9.99 11.49 -14.47
CA TYR A 135 9.33 12.32 -13.50
C TYR A 135 9.83 13.76 -13.45
N THR A 136 10.35 14.24 -14.56
CA THR A 136 10.84 15.59 -14.59
C THR A 136 9.73 16.56 -14.96
N GLN A 137 9.96 17.83 -14.62
CA GLN A 137 9.00 18.86 -14.94
C GLN A 137 8.54 18.82 -16.38
N GLU A 138 9.46 18.41 -17.26
CA GLU A 138 9.11 18.33 -18.66
C GLU A 138 8.14 17.19 -18.84
N MET A 139 8.33 16.14 -18.00
CA MET A 139 7.45 14.97 -18.03
C MET A 139 6.03 15.40 -17.57
N VAL A 140 6.00 16.15 -16.47
CA VAL A 140 4.79 16.69 -15.88
C VAL A 140 3.98 17.44 -16.95
N ASP A 141 4.60 18.46 -17.54
CA ASP A 141 3.95 19.28 -18.58
C ASP A 141 3.32 18.51 -19.71
N ILE A 142 3.83 17.35 -20.01
CA ILE A 142 3.21 16.64 -21.10
C ILE A 142 1.84 16.01 -20.78
N PHE A 143 1.65 15.63 -19.52
CA PHE A 143 0.41 14.97 -19.12
C PHE A 143 -0.78 15.85 -18.91
N LYS A 144 -0.48 17.13 -18.82
CA LYS A 144 -1.47 18.15 -18.59
C LYS A 144 -2.64 18.11 -19.55
N GLY A 145 -3.81 17.82 -18.99
CA GLY A 145 -5.00 17.77 -19.78
C GLY A 145 -5.16 16.61 -20.73
N ARG A 146 -4.30 15.65 -20.61
CA ARG A 146 -4.44 14.56 -21.50
C ARG A 146 -5.27 13.39 -21.05
N ARG A 147 -6.13 12.94 -21.95
CA ARG A 147 -6.97 11.81 -21.64
C ARG A 147 -6.07 10.58 -21.49
N ARG A 148 -6.54 9.66 -20.67
CA ARG A 148 -5.89 8.42 -20.39
C ARG A 148 -5.43 7.72 -21.67
N ASN A 149 -6.31 7.70 -22.70
CA ASN A 149 -6.15 7.10 -24.04
C ASN A 149 -5.22 7.87 -24.98
N GLU A 150 -4.99 9.10 -24.60
CA GLU A 150 -4.17 10.00 -25.34
C GLU A 150 -2.72 9.84 -24.99
N VAL A 151 -2.47 9.54 -23.76
CA VAL A 151 -1.08 9.40 -23.41
C VAL A 151 -0.80 8.02 -22.89
N ALA A 152 0.47 7.74 -22.66
CA ALA A 152 0.95 6.48 -22.16
C ALA A 152 0.63 6.34 -20.67
N PRO A 153 0.59 5.10 -20.22
CA PRO A 153 0.32 4.83 -18.85
C PRO A 153 1.36 5.50 -18.00
N HIS A 154 0.92 6.08 -16.91
CA HIS A 154 1.80 6.77 -16.00
C HIS A 154 0.98 7.25 -14.80
N ILE A 155 1.60 7.29 -13.60
CA ILE A 155 0.99 7.78 -12.38
C ILE A 155 0.44 9.24 -12.64
N PHE A 156 1.22 10.06 -13.31
CA PHE A 156 0.87 11.44 -13.66
C PHE A 156 -0.38 11.43 -14.47
N ALA A 157 -0.53 10.38 -15.26
CA ALA A 157 -1.73 10.32 -16.06
C ALA A 157 -2.98 10.14 -15.18
N ILE A 158 -2.95 9.20 -14.22
CA ILE A 158 -4.11 8.95 -13.34
C ILE A 158 -4.39 10.17 -12.49
N SER A 159 -3.30 10.83 -12.11
CA SER A 159 -3.42 12.04 -11.33
C SER A 159 -4.10 13.13 -12.16
N ASP A 160 -3.80 13.22 -13.45
CA ASP A 160 -4.43 14.26 -14.26
C ASP A 160 -5.93 14.00 -14.39
N VAL A 161 -6.27 12.74 -14.63
CA VAL A 161 -7.67 12.34 -14.78
C VAL A 161 -8.43 12.70 -13.53
N ALA A 162 -7.83 12.42 -12.41
CA ALA A 162 -8.51 12.77 -11.21
C ALA A 162 -8.75 14.28 -11.08
N TYR A 163 -7.78 15.08 -11.44
CA TYR A 163 -7.96 16.49 -11.32
C TYR A 163 -8.93 17.04 -12.33
N ARG A 164 -8.94 16.47 -13.50
CA ARG A 164 -9.88 16.99 -14.46
C ARG A 164 -11.35 16.67 -14.08
N SER A 165 -11.53 15.45 -13.56
CA SER A 165 -12.80 14.91 -13.10
C SER A 165 -13.33 15.77 -11.96
N MET A 166 -12.43 16.13 -11.11
CA MET A 166 -12.75 16.98 -10.00
C MET A 166 -13.33 18.28 -10.50
N LEU A 167 -12.65 18.89 -11.43
CA LEU A 167 -13.06 20.16 -11.98
C LEU A 167 -14.28 20.07 -12.85
N ASP A 168 -14.43 18.96 -13.55
CA ASP A 168 -15.54 18.83 -14.44
C ASP A 168 -16.86 18.30 -13.86
N ASP A 169 -16.73 17.48 -12.88
CA ASP A 169 -17.82 16.84 -12.25
C ASP A 169 -18.12 17.52 -10.96
N ARG A 170 -17.20 18.29 -10.49
CA ARG A 170 -17.37 19.00 -9.23
C ARG A 170 -17.55 18.00 -8.11
N GLN A 171 -16.89 16.90 -8.31
CA GLN A 171 -16.88 15.77 -7.40
C GLN A 171 -15.52 15.52 -6.75
N ASN A 172 -15.47 15.16 -5.47
CA ASN A 172 -14.19 14.89 -4.84
C ASN A 172 -13.55 13.60 -5.35
N GLN A 173 -12.25 13.52 -5.13
CA GLN A 173 -11.62 12.30 -5.65
C GLN A 173 -10.72 11.56 -4.72
N SER A 174 -10.48 10.27 -5.09
CA SER A 174 -9.57 9.45 -4.30
C SER A 174 -8.66 8.53 -5.19
N LEU A 175 -7.39 8.37 -4.71
CA LEU A 175 -6.35 7.51 -5.34
C LEU A 175 -5.93 6.51 -4.28
N LEU A 176 -6.14 5.28 -4.57
CA LEU A 176 -5.78 4.31 -3.59
C LEU A 176 -4.57 3.57 -4.10
N ILE A 177 -3.50 3.69 -3.35
CA ILE A 177 -2.23 3.05 -3.73
C ILE A 177 -1.79 2.01 -2.74
N THR A 178 -1.87 0.76 -3.09
CA THR A 178 -1.47 -0.27 -2.14
C THR A 178 -0.62 -1.30 -2.79
N GLY A 179 -0.06 -2.21 -1.97
CA GLY A 179 0.79 -3.30 -2.44
C GLY A 179 1.82 -3.59 -1.38
N GLU A 180 2.66 -4.62 -1.58
CA GLU A 180 3.65 -4.96 -0.58
C GLU A 180 4.71 -3.97 -0.25
N SER A 181 5.39 -4.24 0.86
CA SER A 181 6.46 -3.39 1.32
C SER A 181 7.54 -3.31 0.26
N GLY A 182 8.00 -2.12 -0.04
CA GLY A 182 9.02 -2.09 -1.07
C GLY A 182 8.51 -2.07 -2.50
N ALA A 183 7.22 -2.27 -2.72
CA ALA A 183 6.64 -2.27 -4.05
C ALA A 183 6.69 -0.90 -4.73
N GLY A 184 6.81 0.19 -3.96
CA GLY A 184 6.87 1.52 -4.57
C GLY A 184 5.71 2.44 -4.38
N LYS A 185 4.95 2.23 -3.30
CA LYS A 185 3.78 3.04 -2.98
C LYS A 185 4.10 4.50 -2.68
N THR A 186 5.03 4.67 -1.76
CA THR A 186 5.40 6.01 -1.37
C THR A 186 5.99 6.79 -2.55
N GLU A 187 6.72 6.06 -3.33
CA GLU A 187 7.31 6.70 -4.48
C GLU A 187 6.22 7.26 -5.38
N ASN A 188 5.21 6.46 -5.62
CA ASN A 188 4.16 6.92 -6.45
C ASN A 188 3.32 8.00 -5.78
N THR A 189 3.24 7.85 -4.50
CA THR A 189 2.49 8.83 -3.76
C THR A 189 3.14 10.17 -3.91
N LYS A 190 4.45 10.22 -3.71
CA LYS A 190 5.10 11.52 -3.84
C LYS A 190 4.93 12.20 -5.23
N LYS A 191 4.80 11.37 -6.26
CA LYS A 191 4.62 11.84 -7.65
C LYS A 191 3.25 12.43 -7.84
N VAL A 192 2.28 11.80 -7.22
CA VAL A 192 0.96 12.30 -7.34
C VAL A 192 0.90 13.73 -6.80
N ILE A 193 1.49 13.88 -5.63
CA ILE A 193 1.49 15.20 -4.99
C ILE A 193 2.30 16.21 -5.80
N GLN A 194 3.46 15.75 -6.27
CA GLN A 194 4.31 16.57 -7.06
C GLN A 194 3.52 17.07 -8.24
N TYR A 195 2.90 16.15 -8.91
CA TYR A 195 2.16 16.56 -10.03
C TYR A 195 1.03 17.54 -9.69
N LEU A 196 0.29 17.20 -8.64
CA LEU A 196 -0.82 18.09 -8.30
C LEU A 196 -0.37 19.50 -8.01
N ALA A 197 0.68 19.56 -7.22
CA ALA A 197 1.25 20.83 -6.83
C ALA A 197 1.66 21.64 -8.03
N SER A 198 2.09 20.96 -9.05
CA SER A 198 2.52 21.67 -10.22
C SER A 198 1.35 22.12 -11.04
N VAL A 199 0.48 21.18 -11.37
CA VAL A 199 -0.66 21.52 -12.16
C VAL A 199 -1.71 22.47 -11.50
N ALA A 200 -1.75 22.49 -10.17
CA ALA A 200 -2.72 23.33 -9.50
C ALA A 200 -2.15 24.29 -8.58
N GLY A 201 -0.84 24.33 -8.45
CA GLY A 201 -0.31 25.30 -7.51
C GLY A 201 -0.16 26.71 -8.10
N ARG A 202 0.28 27.63 -7.25
CA ARG A 202 0.49 29.02 -7.63
C ARG A 202 1.68 29.55 -6.84
N GLY A 209 5.56 27.37 -4.50
CA GLY A 209 4.92 28.32 -3.59
C GLY A 209 5.15 28.03 -2.10
N VAL A 210 4.67 28.96 -1.26
CA VAL A 210 4.78 28.86 0.20
C VAL A 210 4.06 27.62 0.78
N LEU A 211 2.74 27.51 0.49
CA LEU A 211 1.89 26.41 0.96
C LEU A 211 2.43 25.11 0.38
N GLU A 212 2.54 25.12 -0.97
CA GLU A 212 3.02 24.01 -1.77
C GLU A 212 4.31 23.50 -1.19
N GLN A 213 5.08 24.47 -0.75
CA GLN A 213 6.35 24.17 -0.13
C GLN A 213 6.14 23.36 1.11
N GLN A 214 5.39 24.01 2.04
CA GLN A 214 5.06 23.40 3.31
C GLN A 214 4.41 22.04 3.11
N ILE A 215 3.62 21.94 2.06
CA ILE A 215 2.96 20.71 1.78
C ILE A 215 3.97 19.67 1.41
N LEU A 216 4.85 20.10 0.55
CA LEU A 216 5.87 19.20 0.12
C LEU A 216 6.80 18.80 1.24
N GLN A 217 7.13 19.78 2.02
CA GLN A 217 8.00 19.56 3.11
C GLN A 217 7.39 18.74 4.21
N ALA A 218 6.18 18.35 4.07
CA ALA A 218 5.66 17.61 5.18
C ALA A 218 6.16 16.21 5.25
N ASN A 219 6.18 15.65 4.06
CA ASN A 219 6.59 14.32 3.80
C ASN A 219 7.88 13.92 4.52
N PRO A 220 8.92 14.66 4.23
CA PRO A 220 10.24 14.45 4.80
C PRO A 220 10.22 14.39 6.32
N ILE A 221 9.27 15.12 6.92
CA ILE A 221 9.16 15.12 8.35
C ILE A 221 8.57 13.79 8.78
N LEU A 222 7.58 13.39 8.01
CA LEU A 222 6.96 12.18 8.32
C LEU A 222 7.84 10.99 8.14
N GLU A 223 8.73 11.16 7.21
CA GLU A 223 9.63 10.11 6.89
C GLU A 223 10.69 9.84 7.90
N ALA A 224 11.10 10.88 8.53
CA ALA A 224 12.13 10.70 9.53
C ALA A 224 11.64 10.02 10.80
N PHE A 225 10.39 10.32 11.13
CA PHE A 225 9.81 9.77 12.31
C PHE A 225 9.06 8.46 12.13
N GLY A 226 8.51 8.23 10.92
CA GLY A 226 7.76 7.01 10.69
C GLY A 226 8.33 6.01 9.72
N ASN A 227 9.54 6.29 9.25
CA ASN A 227 10.19 5.39 8.31
C ASN A 227 11.44 4.79 8.91
N ALA A 228 11.72 3.57 8.46
CA ALA A 228 12.86 2.78 8.90
C ALA A 228 13.29 1.78 7.83
N LYS A 229 14.48 1.27 8.10
CA LYS A 229 15.14 0.31 7.27
C LYS A 229 14.79 -1.07 7.71
N THR A 230 14.17 -1.78 6.80
CA THR A 230 13.83 -3.12 7.10
C THR A 230 14.50 -4.02 6.09
N THR A 231 14.29 -5.34 6.17
CA THR A 231 14.88 -6.30 5.23
C THR A 231 14.32 -6.24 3.82
N ARG A 232 13.13 -5.66 3.71
CA ARG A 232 12.41 -5.52 2.46
C ARG A 232 12.55 -4.10 1.85
N ASN A 233 12.97 -3.11 2.65
CA ASN A 233 13.08 -1.81 2.11
C ASN A 233 13.89 -0.95 3.04
N ASN A 234 14.81 -0.20 2.43
CA ASN A 234 15.71 0.71 3.16
C ASN A 234 15.05 1.95 3.68
N ASN A 235 13.86 2.19 3.25
CA ASN A 235 13.18 3.35 3.72
C ASN A 235 11.70 3.01 3.84
N SER A 236 11.36 1.97 4.58
CA SER A 236 9.95 1.57 4.73
C SER A 236 9.08 2.46 5.57
N SER A 237 7.85 2.69 5.13
CA SER A 237 6.91 3.50 5.92
C SER A 237 6.26 2.52 6.88
N ARG A 238 6.47 2.73 8.16
CA ARG A 238 5.92 1.89 9.22
C ARG A 238 4.59 2.47 9.73
N PHE A 239 3.81 3.00 8.83
CA PHE A 239 2.52 3.57 9.17
C PHE A 239 1.84 3.77 7.87
N GLY A 240 0.53 3.80 7.91
CA GLY A 240 -0.30 4.00 6.74
C GLY A 240 -0.78 5.46 6.76
N LYS A 241 -1.26 5.95 5.60
CA LYS A 241 -1.72 7.32 5.56
C LYS A 241 -2.72 7.60 4.48
N PHE A 242 -3.44 8.67 4.81
CA PHE A 242 -4.46 9.21 3.94
C PHE A 242 -4.16 10.69 3.76
N ILE A 243 -3.83 11.10 2.52
CA ILE A 243 -3.51 12.53 2.29
C ILE A 243 -4.59 13.28 1.55
N GLU A 244 -5.08 14.32 2.23
CA GLU A 244 -6.08 15.13 1.63
C GLU A 244 -5.45 16.36 0.99
N ILE A 245 -5.44 16.38 -0.33
CA ILE A 245 -4.91 17.54 -1.01
C ILE A 245 -6.15 18.43 -1.23
N GLN A 246 -6.22 19.59 -0.58
CA GLN A 246 -7.38 20.50 -0.72
C GLN A 246 -7.22 21.60 -1.80
N PHE A 247 -8.34 21.90 -2.46
CA PHE A 247 -8.45 22.91 -3.52
C PHE A 247 -9.66 23.84 -3.39
N ASN A 248 -9.56 25.01 -3.99
CA ASN A 248 -10.67 25.96 -3.95
C ASN A 248 -11.55 25.73 -5.17
N ASN A 249 -12.67 26.42 -5.34
CA ASN A 249 -13.60 26.20 -6.49
C ASN A 249 -12.98 26.51 -7.83
N ALA A 250 -11.84 27.22 -7.76
CA ALA A 250 -11.05 27.66 -8.91
C ALA A 250 -10.07 26.58 -9.43
N GLY A 251 -9.84 25.55 -8.60
CA GLY A 251 -8.95 24.46 -9.00
C GLY A 251 -7.54 24.57 -8.47
N PHE A 252 -7.34 25.51 -7.56
CA PHE A 252 -6.03 25.71 -6.99
C PHE A 252 -5.92 25.13 -5.62
N ILE A 253 -4.75 24.59 -5.29
CA ILE A 253 -4.51 24.00 -4.00
C ILE A 253 -4.73 25.00 -2.92
N SER A 254 -5.55 24.68 -1.91
CA SER A 254 -5.87 25.56 -0.77
C SER A 254 -5.28 25.00 0.51
N GLY A 255 -5.11 23.67 0.55
CA GLY A 255 -4.54 23.13 1.80
C GLY A 255 -4.31 21.65 1.71
N ALA A 256 -4.09 21.10 2.89
CA ALA A 256 -3.87 19.69 3.02
C ALA A 256 -4.11 19.23 4.43
N SER A 257 -4.43 17.95 4.51
CA SER A 257 -4.69 17.30 5.79
C SER A 257 -4.14 15.89 5.74
N ILE A 258 -3.55 15.48 6.88
CA ILE A 258 -3.01 14.13 6.93
C ILE A 258 -3.56 13.29 8.06
N GLN A 259 -3.88 12.06 7.70
CA GLN A 259 -4.36 11.09 8.64
C GLN A 259 -3.39 9.86 8.70
N SER A 260 -2.75 9.60 9.85
CA SER A 260 -1.85 8.44 9.99
C SER A 260 -2.50 7.20 10.67
N TYR A 261 -2.00 6.00 10.39
CA TYR A 261 -2.56 4.81 11.01
C TYR A 261 -1.54 3.79 11.31
N LEU A 262 -1.89 2.94 12.22
CA LEU A 262 -1.09 1.79 12.60
C LEU A 262 0.44 1.98 12.71
N LEU A 263 0.88 2.99 13.42
CA LEU A 263 2.30 3.20 13.56
C LEU A 263 3.00 2.03 14.27
N GLU A 264 4.14 1.58 13.77
CA GLU A 264 4.85 0.44 14.38
C GLU A 264 5.76 0.78 15.55
N LYS A 265 5.15 1.17 16.66
CA LYS A 265 5.84 1.55 17.86
C LYS A 265 6.81 0.54 18.41
N SER A 266 6.45 -0.70 18.19
CA SER A 266 7.29 -1.76 18.66
C SER A 266 8.75 -1.59 18.24
N ARG A 267 8.89 -1.13 17.01
CA ARG A 267 10.18 -0.91 16.45
C ARG A 267 10.99 -0.01 17.28
N VAL A 268 10.37 0.83 18.02
CA VAL A 268 11.21 1.69 18.80
C VAL A 268 12.04 0.98 19.84
N VAL A 269 11.60 -0.15 20.32
CA VAL A 269 12.43 -0.77 21.36
C VAL A 269 13.02 -2.06 20.90
N PHE A 270 12.77 -2.37 19.64
CA PHE A 270 13.28 -3.60 19.13
C PHE A 270 13.27 -3.73 17.65
N GLN A 271 14.38 -4.17 17.09
CA GLN A 271 14.47 -4.36 15.65
C GLN A 271 15.11 -5.71 15.29
N SER A 272 14.64 -6.36 14.25
CA SER A 272 15.24 -7.63 13.86
C SER A 272 16.64 -7.38 13.29
N GLU A 273 17.50 -8.40 13.31
CA GLU A 273 18.87 -8.28 12.82
C GLU A 273 18.90 -7.72 11.45
N THR A 274 19.82 -6.76 11.28
CA THR A 274 20.02 -6.06 10.03
C THR A 274 19.16 -4.81 9.85
N GLU A 275 17.97 -4.76 10.47
CA GLU A 275 17.07 -3.62 10.38
C GLU A 275 17.53 -2.50 11.22
N ARG A 276 16.86 -1.39 11.06
CA ARG A 276 17.23 -0.23 11.86
C ARG A 276 15.98 0.29 12.64
N ASN A 277 16.20 1.18 13.59
CA ASN A 277 15.19 1.84 14.38
C ASN A 277 14.72 2.96 13.41
N TYR A 278 13.80 3.82 13.83
CA TYR A 278 13.34 4.91 12.96
C TYR A 278 14.55 5.79 12.55
N HIS A 279 14.56 6.24 11.29
CA HIS A 279 15.62 7.09 10.76
C HIS A 279 16.01 8.23 11.69
N ILE A 280 15.04 8.81 12.36
CA ILE A 280 15.34 9.92 13.23
C ILE A 280 16.35 9.74 14.32
N PHE A 281 16.41 8.54 14.82
CA PHE A 281 17.36 8.26 15.86
C PHE A 281 18.77 8.55 15.38
N TYR A 282 19.05 7.98 14.22
CA TYR A 282 20.34 8.10 13.57
C TYR A 282 20.66 9.48 13.10
N GLN A 283 19.67 10.14 12.49
CA GLN A 283 19.89 11.49 12.00
C GLN A 283 20.32 12.34 13.15
N LEU A 284 19.61 12.14 14.23
CA LEU A 284 19.94 12.90 15.38
C LEU A 284 21.36 12.62 15.85
N LEU A 285 21.65 11.36 16.14
CA LEU A 285 22.97 10.98 16.61
C LEU A 285 24.12 11.54 15.79
N ALA A 286 23.89 11.59 14.47
CA ALA A 286 24.86 12.07 13.48
C ALA A 286 24.99 13.55 13.20
N GLY A 287 23.89 14.21 12.91
CA GLY A 287 23.97 15.60 12.59
C GLY A 287 23.72 16.55 13.74
N ALA A 288 23.74 16.01 14.96
CA ALA A 288 23.51 16.90 16.07
C ALA A 288 24.78 17.69 16.27
N THR A 289 24.67 18.98 16.60
CA THR A 289 25.89 19.71 16.79
C THR A 289 26.71 19.08 17.92
N ALA A 290 28.01 19.29 17.94
CA ALA A 290 28.74 18.67 19.05
C ALA A 290 28.26 19.29 20.35
N GLU A 291 27.78 20.52 20.20
CA GLU A 291 27.25 21.32 21.28
C GLU A 291 25.78 21.03 21.59
N GLU A 292 25.23 20.04 20.94
CA GLU A 292 23.85 19.69 21.19
C GLU A 292 23.90 18.34 21.89
N LYS A 293 24.88 17.59 21.45
CA LYS A 293 25.13 16.27 21.96
C LYS A 293 25.32 16.22 23.46
N LYS A 294 26.15 17.13 23.92
CA LYS A 294 26.46 17.23 25.33
C LYS A 294 25.28 17.68 26.12
N ALA A 295 24.53 18.59 25.54
CA ALA A 295 23.37 19.07 26.20
C ALA A 295 22.35 17.96 26.33
N LEU A 296 22.48 16.99 25.42
CA LEU A 296 21.58 15.85 25.36
C LEU A 296 22.12 14.55 25.86
N HIS A 297 23.35 14.60 26.29
CA HIS A 297 23.96 13.40 26.79
C HIS A 297 23.99 12.35 25.73
N LEU A 298 24.38 12.78 24.54
CA LEU A 298 24.46 11.91 23.38
C LEU A 298 25.79 11.28 23.11
N ALA A 299 25.72 10.15 22.41
CA ALA A 299 26.84 9.31 22.01
C ALA A 299 26.59 8.59 20.70
N GLY A 300 27.32 7.50 20.50
CA GLY A 300 27.10 6.79 19.27
C GLY A 300 25.96 5.80 19.46
N PRO A 301 25.35 5.45 18.37
CA PRO A 301 24.27 4.52 18.34
C PRO A 301 24.66 3.26 19.07
N GLU A 302 25.97 3.03 19.06
CA GLU A 302 26.55 1.85 19.68
C GLU A 302 26.40 1.96 21.17
N SER A 303 26.27 3.18 21.62
CA SER A 303 26.12 3.40 23.02
C SER A 303 24.67 3.26 23.48
N PHE A 304 23.74 2.96 22.56
CA PHE A 304 22.35 2.82 22.94
C PHE A 304 21.72 1.50 22.66
N ASN A 305 21.09 0.96 23.70
CA ASN A 305 20.39 -0.33 23.70
C ASN A 305 19.37 -0.47 22.59
N TYR A 306 18.70 0.65 22.33
CA TYR A 306 17.66 0.68 21.30
C TYR A 306 18.17 0.72 19.87
N LEU A 307 19.47 1.05 19.70
CA LEU A 307 20.13 1.15 18.39
C LEU A 307 21.24 0.16 18.12
N ASN A 308 21.79 -0.31 19.21
CA ASN A 308 22.85 -1.26 19.18
C ASN A 308 22.39 -2.71 19.18
N GLN A 309 21.35 -3.09 18.50
CA GLN A 309 21.08 -4.51 18.63
C GLN A 309 20.90 -5.32 17.32
N SER A 310 20.48 -4.66 16.23
CA SER A 310 20.27 -5.35 14.95
C SER A 310 21.58 -5.63 14.24
N GLY A 311 22.61 -4.88 14.64
CA GLY A 311 23.90 -4.99 14.03
C GLY A 311 23.79 -4.24 12.69
N CYS A 312 23.33 -2.99 12.75
CA CYS A 312 23.16 -2.21 11.57
C CYS A 312 22.77 -0.86 12.02
N VAL A 313 23.65 0.06 11.73
CA VAL A 313 23.41 1.40 12.13
C VAL A 313 23.45 2.40 11.03
N ASP A 314 23.65 1.95 9.79
CA ASP A 314 23.69 2.93 8.72
C ASP A 314 23.21 2.35 7.44
N ILE A 315 22.84 3.23 6.52
CA ILE A 315 22.36 2.75 5.25
C ILE A 315 23.20 3.18 4.08
N LYS A 316 23.52 2.18 3.27
CA LYS A 316 24.34 2.39 2.09
C LYS A 316 23.77 3.41 1.13
N GLY A 317 24.54 4.48 1.00
CA GLY A 317 24.15 5.56 0.14
C GLY A 317 23.26 6.48 0.91
N VAL A 318 23.59 6.59 2.20
CA VAL A 318 22.84 7.44 3.06
C VAL A 318 23.62 8.01 4.20
N SER A 319 23.53 9.36 4.27
CA SER A 319 24.16 10.20 5.29
C SER A 319 23.14 10.69 6.29
N ASP A 320 23.12 10.08 7.46
CA ASP A 320 22.18 10.49 8.48
C ASP A 320 22.33 11.99 8.80
N SER A 321 23.55 12.49 8.74
CA SER A 321 23.75 13.90 9.00
C SER A 321 23.17 14.73 7.89
N GLU A 322 23.43 14.34 6.64
CA GLU A 322 22.90 15.13 5.54
C GLU A 322 21.37 15.21 5.67
N GLU A 323 20.77 14.04 5.94
CA GLU A 323 19.33 13.81 6.13
C GLU A 323 18.79 14.62 7.32
N PHE A 324 19.56 14.68 8.41
CA PHE A 324 19.13 15.44 9.56
C PHE A 324 18.93 16.92 9.20
N LYS A 325 19.75 17.38 8.26
CA LYS A 325 19.70 18.75 7.79
C LYS A 325 18.41 18.90 7.05
N ILE A 326 18.19 17.95 6.16
CA ILE A 326 17.01 17.95 5.39
C ILE A 326 15.77 18.08 6.29
N THR A 327 15.64 17.15 7.26
CA THR A 327 14.51 17.12 8.26
C THR A 327 14.36 18.42 9.05
N ARG A 328 15.49 18.89 9.55
CA ARG A 328 15.52 20.12 10.31
C ARG A 328 15.04 21.28 9.41
N GLN A 329 15.35 21.21 8.14
CA GLN A 329 14.92 22.30 7.28
C GLN A 329 13.39 22.30 7.16
N ALA A 330 12.86 21.13 6.76
CA ALA A 330 11.43 20.95 6.58
C ALA A 330 10.70 21.44 7.81
N MET A 331 11.24 21.11 8.99
CA MET A 331 10.57 21.57 10.18
C MET A 331 10.49 23.05 10.20
N ASP A 332 11.56 23.67 9.73
CA ASP A 332 11.68 25.10 9.70
C ASP A 332 10.75 25.77 8.76
N ILE A 333 10.56 25.06 7.66
CA ILE A 333 9.69 25.56 6.63
C ILE A 333 8.25 25.45 7.03
N VAL A 334 7.92 24.31 7.66
CA VAL A 334 6.57 24.04 8.13
C VAL A 334 6.21 25.04 9.23
N GLY A 335 7.21 25.39 10.07
CA GLY A 335 6.95 26.37 11.12
C GLY A 335 7.24 25.96 12.54
N PHE A 336 7.89 24.81 12.70
CA PHE A 336 8.19 24.41 14.05
C PHE A 336 9.25 25.33 14.64
N SER A 337 8.88 25.97 15.74
CA SER A 337 9.76 26.87 16.45
C SER A 337 10.98 26.08 16.91
N GLN A 338 12.12 26.77 17.01
CA GLN A 338 13.37 26.15 17.43
C GLN A 338 13.21 25.42 18.73
N GLU A 339 12.44 26.09 19.56
CA GLU A 339 12.12 25.59 20.86
C GLU A 339 11.30 24.31 20.63
N GLU A 340 10.45 24.34 19.63
CA GLU A 340 9.67 23.16 19.38
C GLU A 340 10.61 22.06 18.94
N GLN A 341 11.43 22.42 17.99
CA GLN A 341 12.35 21.46 17.47
C GLN A 341 13.22 20.86 18.56
N MET A 342 13.65 21.71 19.47
CA MET A 342 14.50 21.23 20.55
C MET A 342 13.88 20.05 21.26
N SER A 343 12.74 20.35 21.81
CA SER A 343 11.92 19.45 22.56
C SER A 343 11.65 18.12 21.82
N ILE A 344 11.38 18.19 20.53
CA ILE A 344 11.16 16.96 19.82
C ILE A 344 12.43 16.10 19.90
N PHE A 345 13.56 16.76 19.83
CA PHE A 345 14.81 16.07 19.89
C PHE A 345 15.10 15.61 21.29
N LYS A 346 14.68 16.42 22.22
CA LYS A 346 14.91 16.04 23.59
C LYS A 346 14.19 14.73 23.86
N ILE A 347 12.95 14.67 23.35
CA ILE A 347 12.10 13.50 23.48
C ILE A 347 12.77 12.31 22.85
N ILE A 348 13.30 12.53 21.65
CA ILE A 348 13.97 11.46 20.97
C ILE A 348 15.08 10.95 21.85
N ALA A 349 15.74 11.92 22.43
CA ALA A 349 16.86 11.66 23.30
C ALA A 349 16.46 10.87 24.50
N GLY A 350 15.52 11.47 25.25
CA GLY A 350 15.01 10.86 26.47
C GLY A 350 14.68 9.40 26.20
N ILE A 351 14.01 9.19 25.09
CA ILE A 351 13.62 7.87 24.69
C ILE A 351 14.82 6.97 24.60
N LEU A 352 15.91 7.47 24.02
CA LEU A 352 17.10 6.64 23.93
C LEU A 352 17.64 6.30 25.36
N HIS A 353 17.63 7.34 26.23
CA HIS A 353 18.09 7.19 27.61
C HIS A 353 17.27 6.14 28.38
N LEU A 354 15.92 6.21 28.28
CA LEU A 354 15.00 5.29 28.93
C LEU A 354 15.35 3.83 28.59
N GLY A 355 15.70 3.58 27.34
CA GLY A 355 16.06 2.23 26.94
C GLY A 355 17.39 1.79 27.53
N ASN A 356 18.18 2.77 28.02
CA ASN A 356 19.48 2.51 28.60
C ASN A 356 19.46 2.08 30.03
N ILE A 357 18.31 2.31 30.64
CA ILE A 357 18.06 1.96 32.03
C ILE A 357 18.19 0.42 32.27
N LYS A 358 19.08 0.01 33.19
CA LYS A 358 19.24 -1.42 33.52
C LYS A 358 18.53 -1.80 34.83
N PHE A 359 17.51 -2.63 34.71
CA PHE A 359 16.82 -3.01 35.91
C PHE A 359 17.50 -4.20 36.49
N GLU A 360 17.77 -4.02 37.75
CA GLU A 360 18.41 -5.02 38.54
C GLU A 360 17.52 -5.40 39.68
N LYS A 361 17.44 -6.70 39.91
CA LYS A 361 16.62 -7.21 40.96
C LYS A 361 17.16 -8.45 41.61
N GLY A 362 17.99 -8.22 42.60
CA GLY A 362 18.60 -9.31 43.34
C GLY A 362 18.18 -9.28 44.80
N ALA A 363 18.15 -8.01 45.32
CA ALA A 363 17.80 -7.61 46.69
C ALA A 363 16.64 -8.43 47.28
N GLY A 364 15.58 -8.57 46.50
CA GLY A 364 14.43 -9.34 46.91
C GLY A 364 13.90 -10.12 45.72
N GLU A 365 12.83 -9.59 45.14
CA GLU A 365 12.14 -10.11 43.98
C GLU A 365 11.57 -8.95 43.13
N GLY A 366 11.88 -7.72 43.59
CA GLY A 366 11.49 -6.43 43.02
C GLY A 366 12.72 -5.76 42.47
N ALA A 367 12.54 -5.11 41.36
CA ALA A 367 13.64 -4.44 40.72
C ALA A 367 14.20 -3.23 41.46
N VAL A 368 15.46 -2.91 41.14
CA VAL A 368 16.18 -1.79 41.72
C VAL A 368 17.09 -1.14 40.70
N LEU A 369 17.41 0.08 41.02
CA LEU A 369 18.25 0.87 40.21
C LEU A 369 19.56 1.26 40.89
N LYS A 370 20.56 0.44 40.61
CA LYS A 370 21.89 0.66 41.13
C LYS A 370 22.50 1.90 40.40
N ASP A 371 22.16 2.12 39.12
CA ASP A 371 22.69 3.26 38.38
C ASP A 371 21.59 4.22 37.88
N LYS A 372 21.69 5.43 38.37
CA LYS A 372 20.74 6.46 38.07
C LYS A 372 21.06 7.29 36.84
N THR A 373 22.21 6.98 36.27
CA THR A 373 22.74 7.65 35.10
C THR A 373 21.72 7.82 34.01
N ALA A 374 21.41 6.72 33.33
CA ALA A 374 20.44 6.77 32.25
C ALA A 374 19.17 7.42 32.74
N LEU A 375 18.69 6.93 33.89
CA LEU A 375 17.48 7.46 34.50
C LEU A 375 17.44 8.98 34.51
N ASN A 376 18.44 9.52 35.21
CA ASN A 376 18.61 10.93 35.38
C ASN A 376 18.73 11.69 34.07
N ALA A 377 19.16 10.99 33.04
CA ALA A 377 19.33 11.55 31.70
C ALA A 377 17.96 11.75 31.07
N ALA A 378 17.15 10.72 31.22
CA ALA A 378 15.81 10.78 30.69
C ALA A 378 15.12 11.96 31.34
N SER A 379 15.01 11.89 32.67
CA SER A 379 14.37 12.93 33.47
C SER A 379 14.69 14.35 33.01
N THR A 380 15.98 14.68 32.94
CA THR A 380 16.43 16.02 32.49
C THR A 380 15.85 16.43 31.15
N VAL A 381 16.10 15.59 30.15
CA VAL A 381 15.58 15.91 28.84
C VAL A 381 14.07 15.97 28.83
N PHE A 382 13.38 15.04 29.57
CA PHE A 382 11.89 15.02 29.64
C PHE A 382 11.33 16.19 30.44
N GLY A 383 12.11 16.57 31.43
CA GLY A 383 11.73 17.67 32.29
C GLY A 383 10.71 17.23 33.27
N VAL A 384 10.98 16.02 33.81
CA VAL A 384 10.21 15.29 34.78
C VAL A 384 11.13 14.95 35.96
N ASN A 385 10.56 14.48 37.06
CA ASN A 385 11.33 14.14 38.24
C ASN A 385 11.84 12.69 38.31
N PRO A 386 13.15 12.55 38.42
CA PRO A 386 13.83 11.26 38.51
C PRO A 386 13.35 10.31 39.61
N SER A 387 12.98 10.89 40.72
CA SER A 387 12.52 10.12 41.85
C SER A 387 11.12 9.55 41.61
N VAL A 388 10.29 10.39 40.96
CA VAL A 388 8.91 10.05 40.62
C VAL A 388 8.91 9.05 39.46
N LEU A 389 9.88 9.24 38.56
CA LEU A 389 10.03 8.39 37.41
C LEU A 389 10.43 7.00 37.85
N GLU A 390 11.40 7.05 38.70
CA GLU A 390 11.93 5.86 39.26
C GLU A 390 10.87 4.98 39.93
N LYS A 391 10.08 5.61 40.81
CA LYS A 391 9.03 4.94 41.55
C LYS A 391 7.93 4.43 40.68
N ALA A 392 7.53 5.32 39.79
CA ALA A 392 6.48 5.03 38.85
C ALA A 392 6.78 3.85 37.97
N LEU A 393 8.07 3.61 37.76
CA LEU A 393 8.51 2.52 36.93
C LEU A 393 8.60 1.22 37.66
N MET A 394 9.17 1.21 38.88
CA MET A 394 9.31 -0.05 39.62
C MET A 394 8.36 -0.27 40.77
N GLU A 395 7.59 0.74 41.05
CA GLU A 395 6.64 0.68 42.12
C GLU A 395 5.41 1.50 41.88
N PRO A 396 4.64 1.11 40.85
CA PRO A 396 3.42 1.82 40.53
C PRO A 396 2.25 1.48 41.51
N ARG A 397 1.45 2.49 41.97
CA ARG A 397 0.33 2.20 42.87
C ARG A 397 -0.81 1.60 42.04
N ILE A 398 -1.23 0.40 42.36
CA ILE A 398 -2.27 -0.23 41.61
C ILE A 398 -3.48 -0.45 42.40
N LEU A 399 -4.57 -0.02 41.78
CA LEU A 399 -5.87 -0.14 42.36
C LEU A 399 -6.34 -1.56 42.52
N ALA A 400 -6.20 -2.09 43.74
CA ALA A 400 -6.59 -3.44 44.11
C ALA A 400 -7.85 -3.43 44.98
N GLY A 401 -8.94 -3.04 44.37
CA GLY A 401 -10.17 -2.98 45.09
C GLY A 401 -10.52 -1.57 45.45
N ARG A 402 -10.47 -1.33 46.77
CA ARG A 402 -10.80 -0.04 47.32
C ARG A 402 -9.53 0.70 47.66
N ASP A 403 -8.49 -0.10 47.78
CA ASP A 403 -7.21 0.40 48.13
C ASP A 403 -6.34 0.63 46.93
N LEU A 404 -5.46 1.59 47.10
CA LEU A 404 -4.52 1.98 46.10
C LEU A 404 -3.16 1.68 46.70
N VAL A 405 -2.54 0.61 46.25
CA VAL A 405 -1.25 0.26 46.78
C VAL A 405 -0.20 0.18 45.70
N ALA A 406 0.95 0.72 46.03
CA ALA A 406 2.10 0.71 45.18
C ALA A 406 2.71 -0.69 45.18
N GLN A 407 2.85 -1.28 43.99
CA GLN A 407 3.42 -2.60 43.86
C GLN A 407 4.89 -2.53 43.48
N HIS A 408 5.66 -3.42 44.06
CA HIS A 408 7.05 -3.44 43.70
C HIS A 408 7.16 -4.35 42.51
N LEU A 409 7.66 -3.81 41.43
CA LEU A 409 7.77 -4.62 40.25
C LEU A 409 9.10 -5.30 40.11
N ASN A 410 9.03 -6.48 39.52
CA ASN A 410 10.22 -7.26 39.26
C ASN A 410 10.94 -6.63 38.08
N VAL A 411 11.96 -7.31 37.62
CA VAL A 411 12.74 -6.83 36.53
C VAL A 411 12.02 -6.87 35.21
N GLU A 412 11.49 -8.03 34.91
CA GLU A 412 10.80 -8.18 33.67
C GLU A 412 9.72 -7.18 33.54
N LYS A 413 8.86 -7.21 34.52
CA LYS A 413 7.75 -6.31 34.54
C LYS A 413 8.25 -4.87 34.46
N SER A 414 9.31 -4.61 35.18
CA SER A 414 9.85 -3.28 35.18
C SER A 414 10.25 -2.85 33.77
N SER A 415 11.09 -3.64 33.12
CA SER A 415 11.55 -3.30 31.80
C SER A 415 10.39 -3.10 30.85
N SER A 416 9.43 -4.02 30.92
CA SER A 416 8.25 -3.97 30.08
C SER A 416 7.44 -2.68 30.23
N SER A 417 7.41 -2.11 31.41
CA SER A 417 6.65 -0.90 31.60
C SER A 417 7.41 0.29 30.99
N ARG A 418 8.70 0.27 31.22
CA ARG A 418 9.61 1.25 30.71
C ARG A 418 9.40 1.20 29.19
N ASP A 419 9.32 0.00 28.64
CA ASP A 419 9.12 -0.05 27.20
C ASP A 419 7.81 0.51 26.82
N ALA A 420 6.84 0.25 27.67
CA ALA A 420 5.51 0.73 27.39
C ALA A 420 5.50 2.25 27.35
N LEU A 421 6.31 2.82 28.25
CA LEU A 421 6.44 4.25 28.36
C LEU A 421 7.09 4.81 27.09
N VAL A 422 8.11 4.15 26.64
CA VAL A 422 8.78 4.59 25.46
C VAL A 422 7.84 4.55 24.23
N LYS A 423 7.08 3.49 24.11
CA LYS A 423 6.20 3.41 22.95
C LYS A 423 5.15 4.43 22.95
N ALA A 424 4.72 4.84 24.13
CA ALA A 424 3.68 5.84 24.20
C ALA A 424 4.20 7.22 23.82
N LEU A 425 5.45 7.46 24.24
CA LEU A 425 6.15 8.70 23.98
C LEU A 425 6.22 8.89 22.48
N TYR A 426 6.76 7.87 21.87
CA TYR A 426 6.88 7.88 20.45
C TYR A 426 5.54 8.05 19.69
N GLY A 427 4.63 7.14 19.94
CA GLY A 427 3.33 7.18 19.28
C GLY A 427 2.66 8.48 19.46
N ARG A 428 2.83 8.97 20.65
CA ARG A 428 2.23 10.22 20.97
C ARG A 428 2.90 11.37 20.27
N LEU A 429 4.21 11.36 20.26
CA LEU A 429 4.93 12.43 19.60
C LEU A 429 4.56 12.40 18.11
N PHE A 430 4.41 11.19 17.60
CA PHE A 430 4.04 11.05 16.19
C PHE A 430 2.73 11.72 15.88
N LEU A 431 1.76 11.50 16.76
CA LEU A 431 0.43 12.09 16.60
C LEU A 431 0.52 13.61 16.56
N TRP A 432 1.30 14.11 17.51
CA TRP A 432 1.57 15.51 17.72
C TRP A 432 2.13 16.19 16.51
N LEU A 433 3.10 15.51 15.91
CA LEU A 433 3.67 16.11 14.73
C LEU A 433 2.58 16.18 13.72
N VAL A 434 1.90 15.05 13.46
CA VAL A 434 0.82 15.08 12.47
C VAL A 434 -0.17 16.23 12.66
N LYS A 435 -0.53 16.42 13.93
CA LYS A 435 -1.44 17.46 14.35
C LYS A 435 -0.88 18.82 14.05
N LYS A 436 0.34 19.02 14.51
CA LYS A 436 1.06 20.26 14.32
C LYS A 436 1.12 20.61 12.82
N ILE A 437 1.39 19.64 11.97
CA ILE A 437 1.45 19.89 10.53
C ILE A 437 0.07 20.26 9.90
N ASN A 438 -0.95 19.52 10.28
CA ASN A 438 -2.28 19.78 9.77
C ASN A 438 -2.76 21.14 10.13
N ASN A 439 -2.36 21.59 11.30
CA ASN A 439 -2.77 22.90 11.71
C ASN A 439 -2.30 23.93 10.71
N VAL A 440 -1.09 23.67 10.28
CA VAL A 440 -0.45 24.53 9.36
C VAL A 440 -1.03 24.50 7.99
N LEU A 441 -1.27 23.33 7.48
CA LEU A 441 -1.76 23.35 6.14
C LEU A 441 -3.22 23.11 5.92
N CYS A 442 -3.86 22.58 6.95
CA CYS A 442 -5.27 22.23 6.88
C CYS A 442 -6.34 23.29 6.91
N GLN A 443 -7.33 23.15 5.96
CA GLN A 443 -8.49 24.04 5.78
C GLN A 443 -9.91 23.48 6.10
N GLU A 444 -10.59 24.22 6.99
CA GLU A 444 -11.94 23.93 7.45
C GLU A 444 -12.89 24.19 6.31
N ARG A 445 -12.66 25.37 5.77
CA ARG A 445 -13.39 25.87 4.65
C ARG A 445 -12.68 25.54 3.34
N LYS A 446 -12.90 24.32 2.81
CA LYS A 446 -12.27 23.94 1.55
C LYS A 446 -13.35 23.56 0.58
N ALA A 447 -13.08 23.76 -0.72
CA ALA A 447 -14.09 23.41 -1.70
C ALA A 447 -14.07 21.99 -2.15
N TYR A 448 -12.91 21.49 -2.56
CA TYR A 448 -12.87 20.12 -3.03
C TYR A 448 -11.64 19.43 -2.53
N PHE A 449 -11.51 18.18 -2.87
CA PHE A 449 -10.32 17.52 -2.40
C PHE A 449 -10.12 16.30 -3.18
N ILE A 450 -8.83 15.92 -3.16
CA ILE A 450 -8.28 14.76 -3.83
C ILE A 450 -7.54 14.01 -2.74
N GLY A 451 -7.97 12.80 -2.46
CA GLY A 451 -7.29 12.12 -1.38
C GLY A 451 -6.51 10.95 -1.83
N VAL A 452 -5.37 10.79 -1.17
CA VAL A 452 -4.43 9.72 -1.43
C VAL A 452 -4.24 8.82 -0.19
N LEU A 453 -4.49 7.54 -0.42
CA LEU A 453 -4.37 6.55 0.60
C LEU A 453 -3.18 5.68 0.24
N ASP A 454 -2.23 5.69 1.12
CA ASP A 454 -1.08 4.90 0.89
C ASP A 454 -0.85 3.95 2.09
N ILE A 455 -1.08 2.68 1.84
CA ILE A 455 -0.90 1.77 2.92
C ILE A 455 -0.70 0.43 2.31
N SER A 456 -0.24 -0.52 3.08
CA SER A 456 -0.07 -1.83 2.48
C SER A 456 -1.35 -2.50 2.07
N GLY A 457 -1.19 -3.50 1.19
CA GLY A 457 -2.26 -4.33 0.71
C GLY A 457 -2.19 -5.50 1.78
N PHE A 458 -2.79 -6.64 1.46
CA PHE A 458 -2.78 -7.77 2.39
C PHE A 458 -1.41 -8.15 2.91
N GLU A 459 -1.35 -8.54 4.14
CA GLU A 459 -0.09 -8.95 4.66
C GLU A 459 -0.19 -10.39 5.07
N ILE A 460 0.63 -11.23 4.49
CA ILE A 460 0.61 -12.64 4.85
C ILE A 460 2.01 -13.06 5.14
N PHE A 461 2.48 -12.85 6.35
CA PHE A 461 3.83 -13.21 6.67
C PHE A 461 3.96 -14.56 7.23
N LYS A 462 5.16 -14.75 7.80
CA LYS A 462 5.60 -15.99 8.44
C LYS A 462 4.78 -16.19 9.68
N VAL A 463 4.73 -15.07 10.40
CA VAL A 463 4.03 -14.84 11.62
C VAL A 463 3.15 -13.65 11.44
N ASN A 464 1.87 -13.83 11.74
CA ASN A 464 0.88 -12.79 11.65
C ASN A 464 0.27 -12.58 13.02
N SER A 465 0.27 -11.33 13.48
CA SER A 465 -0.26 -10.95 14.77
C SER A 465 -1.45 -10.01 14.66
N PHE A 466 -1.73 -9.26 15.71
CA PHE A 466 -2.85 -8.34 15.70
C PHE A 466 -2.89 -7.33 14.58
N GLU A 467 -1.72 -6.73 14.35
CA GLU A 467 -1.52 -5.71 13.30
C GLU A 467 -1.85 -6.14 11.89
N GLN A 468 -1.54 -7.42 11.56
CA GLN A 468 -1.82 -8.07 10.28
C GLN A 468 -3.38 -8.27 10.12
N LEU A 469 -4.08 -8.54 11.27
CA LEU A 469 -5.55 -8.72 11.26
C LEU A 469 -6.11 -7.39 10.84
N CYS A 470 -5.65 -6.38 11.53
CA CYS A 470 -6.09 -5.09 11.23
C CYS A 470 -5.88 -4.70 9.77
N ILE A 471 -4.65 -4.73 9.31
CA ILE A 471 -4.41 -4.36 7.91
C ILE A 471 -5.22 -5.22 6.96
N ASN A 472 -5.30 -6.51 7.29
CA ASN A 472 -6.05 -7.38 6.40
C ASN A 472 -7.53 -7.05 6.34
N TYR A 473 -8.00 -6.60 7.48
CA TYR A 473 -9.38 -6.22 7.63
C TYR A 473 -9.61 -5.02 6.72
N THR A 474 -8.72 -4.04 6.84
CA THR A 474 -8.85 -2.86 6.00
C THR A 474 -8.92 -3.23 4.52
N ASN A 475 -8.06 -4.16 4.14
CA ASN A 475 -8.00 -4.60 2.78
C ASN A 475 -9.23 -5.33 2.28
N GLU A 476 -9.98 -6.05 3.16
CA GLU A 476 -11.21 -6.78 2.72
C GLU A 476 -12.24 -5.73 2.29
N LYS A 477 -12.21 -4.67 3.08
CA LYS A 477 -13.09 -3.53 2.83
C LYS A 477 -12.72 -2.81 1.54
N LEU A 478 -11.42 -2.56 1.34
CA LEU A 478 -11.02 -1.89 0.10
C LEU A 478 -11.32 -2.71 -1.11
N GLN A 479 -11.16 -4.01 -0.96
CA GLN A 479 -11.43 -4.91 -2.06
C GLN A 479 -12.90 -4.99 -2.42
N GLN A 480 -13.77 -4.94 -1.42
CA GLN A 480 -15.21 -4.99 -1.62
C GLN A 480 -15.62 -3.65 -2.29
N PHE A 481 -15.03 -2.57 -1.80
CA PHE A 481 -15.29 -1.23 -2.38
C PHE A 481 -14.97 -1.26 -3.91
N PHE A 482 -13.77 -1.81 -4.26
CA PHE A 482 -13.33 -1.92 -5.63
C PHE A 482 -14.34 -2.76 -6.42
N ASN A 483 -14.69 -3.88 -5.82
CA ASN A 483 -15.64 -4.77 -6.44
C ASN A 483 -16.95 -4.06 -6.70
N HIS A 484 -17.45 -3.33 -5.71
CA HIS A 484 -18.71 -2.66 -5.95
C HIS A 484 -18.58 -1.58 -7.01
N HIS A 485 -17.55 -0.78 -6.84
CA HIS A 485 -17.27 0.27 -7.80
C HIS A 485 -17.16 -0.37 -9.17
N MET A 486 -16.39 -1.46 -9.30
CA MET A 486 -16.27 -2.08 -10.60
C MET A 486 -17.58 -2.54 -11.21
N PHE A 487 -18.45 -3.04 -10.36
CA PHE A 487 -19.75 -3.51 -10.79
C PHE A 487 -20.53 -2.37 -11.53
N LYS A 488 -20.75 -1.27 -10.83
CA LYS A 488 -21.46 -0.09 -11.34
C LYS A 488 -20.94 0.52 -12.67
N VAL A 489 -19.63 0.82 -12.70
CA VAL A 489 -19.04 1.39 -13.89
C VAL A 489 -19.13 0.46 -15.07
N GLU A 490 -19.09 -0.86 -14.81
CA GLU A 490 -19.20 -1.84 -15.88
C GLU A 490 -20.56 -1.76 -16.51
N GLN A 491 -21.57 -1.60 -15.64
CA GLN A 491 -22.99 -1.49 -15.96
C GLN A 491 -23.29 -0.17 -16.71
N GLU A 492 -22.61 0.89 -16.28
CA GLU A 492 -22.73 2.22 -16.86
C GLU A 492 -22.43 2.10 -18.34
N GLU A 493 -21.17 1.67 -18.60
CA GLU A 493 -20.59 1.46 -19.94
C GLU A 493 -21.44 0.56 -20.79
N TYR A 494 -21.85 -0.58 -20.23
CA TYR A 494 -22.68 -1.51 -20.95
C TYR A 494 -24.00 -0.84 -21.20
N LEU A 495 -24.31 0.10 -20.31
CA LEU A 495 -25.53 0.83 -20.45
C LEU A 495 -25.37 1.96 -21.49
N LYS A 496 -24.24 2.76 -21.47
CA LYS A 496 -23.96 3.90 -22.41
C LYS A 496 -24.09 3.53 -23.89
N GLU A 497 -23.77 2.28 -24.19
CA GLU A 497 -23.87 1.75 -25.52
C GLU A 497 -25.07 0.78 -25.48
N LYS A 498 -25.80 0.69 -26.59
CA LYS A 498 -26.97 -0.18 -26.73
C LYS A 498 -26.77 -1.57 -26.10
N ILE A 499 -25.50 -1.95 -25.89
CA ILE A 499 -25.12 -3.24 -25.33
C ILE A 499 -25.50 -3.38 -23.86
N ASP A 509 -19.24 -11.19 -1.29
CA ASP A 509 -18.41 -12.36 -0.97
C ASP A 509 -17.46 -12.11 0.22
N SER A 510 -17.14 -10.83 0.39
CA SER A 510 -16.26 -10.37 1.46
C SER A 510 -17.03 -10.06 2.72
N GLN A 511 -18.35 -10.18 2.58
CA GLN A 511 -19.20 -9.87 3.68
C GLN A 511 -19.05 -10.77 4.84
N ALA A 512 -18.95 -12.05 4.52
CA ALA A 512 -18.78 -13.13 5.48
C ALA A 512 -17.47 -12.99 6.18
N THR A 513 -16.43 -12.61 5.44
CA THR A 513 -15.12 -12.45 6.08
C THR A 513 -15.11 -11.24 6.98
N ILE A 514 -15.68 -10.16 6.43
CA ILE A 514 -15.76 -8.91 7.15
C ILE A 514 -16.48 -9.07 8.51
N ASP A 515 -17.62 -9.83 8.45
CA ASP A 515 -18.49 -10.13 9.61
C ASP A 515 -17.80 -10.97 10.66
N LEU A 516 -17.08 -11.96 10.16
CA LEU A 516 -16.37 -12.81 11.07
C LEU A 516 -15.44 -11.97 11.87
N ILE A 517 -14.98 -10.93 11.22
CA ILE A 517 -14.06 -10.09 11.93
C ILE A 517 -14.68 -9.01 12.75
N ASP A 518 -15.52 -8.21 12.09
CA ASP A 518 -16.06 -7.13 12.87
C ASP A 518 -17.52 -7.26 13.37
N GLY A 519 -18.17 -8.40 13.16
CA GLY A 519 -19.55 -8.64 13.61
C GLY A 519 -19.80 -8.32 15.11
N ARG A 520 -21.04 -7.85 15.42
CA ARG A 520 -21.48 -7.51 16.76
C ARG A 520 -22.36 -8.63 17.32
N GLN A 521 -23.29 -9.08 16.52
CA GLN A 521 -24.18 -10.13 16.92
C GLN A 521 -24.53 -10.95 15.73
N PRO A 522 -24.03 -12.17 15.66
CA PRO A 522 -23.16 -12.72 16.67
C PRO A 522 -21.87 -11.93 16.63
N PRO A 523 -21.23 -11.90 17.73
CA PRO A 523 -19.99 -11.21 17.91
C PRO A 523 -18.91 -11.80 16.99
N GLY A 524 -18.04 -10.96 16.40
CA GLY A 524 -17.00 -11.51 15.53
C GLY A 524 -15.70 -11.55 16.30
N ILE A 525 -14.57 -11.75 15.65
CA ILE A 525 -13.32 -11.81 16.42
C ILE A 525 -13.04 -10.60 17.27
N LEU A 526 -13.17 -9.42 16.67
CA LEU A 526 -12.85 -8.24 17.48
C LEU A 526 -13.76 -8.01 18.71
N ALA A 527 -15.06 -8.32 18.51
CA ALA A 527 -16.05 -8.16 19.60
C ALA A 527 -15.59 -9.12 20.72
N LEU A 528 -15.22 -10.40 20.39
CA LEU A 528 -14.76 -11.36 21.44
C LEU A 528 -13.49 -10.90 22.12
N LEU A 529 -12.66 -10.22 21.33
CA LEU A 529 -11.44 -9.76 21.89
C LEU A 529 -11.72 -8.66 22.84
N ASP A 530 -12.60 -7.75 22.47
CA ASP A 530 -12.89 -6.67 23.41
C ASP A 530 -13.45 -7.18 24.70
N GLU A 531 -14.29 -8.20 24.56
CA GLU A 531 -14.92 -8.77 25.73
C GLU A 531 -13.91 -9.28 26.72
N GLN A 532 -12.98 -10.09 26.23
CA GLN A 532 -11.95 -10.63 27.12
C GLN A 532 -11.08 -9.54 27.75
N SER A 533 -11.11 -8.38 27.14
CA SER A 533 -10.32 -7.23 27.56
C SER A 533 -10.68 -6.62 28.86
N VAL A 534 -11.90 -6.79 29.22
CA VAL A 534 -12.37 -6.25 30.48
C VAL A 534 -11.76 -6.92 31.71
N PHE A 535 -11.34 -8.17 31.53
CA PHE A 535 -10.76 -9.01 32.58
C PHE A 535 -9.26 -8.96 32.68
N PRO A 536 -8.87 -8.39 33.80
CA PRO A 536 -7.50 -8.22 34.19
C PRO A 536 -6.74 -9.52 34.15
N ASN A 537 -7.47 -10.58 34.54
CA ASN A 537 -6.90 -11.91 34.59
C ASN A 537 -7.05 -12.84 33.38
N ALA A 538 -7.68 -12.36 32.26
CA ALA A 538 -7.83 -13.18 31.02
C ALA A 538 -6.49 -13.42 30.35
N THR A 539 -6.38 -14.51 29.63
CA THR A 539 -5.12 -14.81 29.00
C THR A 539 -5.27 -15.17 27.54
N ASP A 540 -4.12 -15.33 26.88
CA ASP A 540 -4.17 -15.69 25.46
C ASP A 540 -4.98 -17.00 25.27
N ASN A 541 -4.76 -17.94 26.20
CA ASN A 541 -5.44 -19.20 26.15
C ASN A 541 -6.97 -19.04 26.27
N THR A 542 -7.41 -18.19 27.21
CA THR A 542 -8.86 -17.98 27.37
C THR A 542 -9.37 -17.34 26.09
N LEU A 543 -8.56 -16.43 25.56
CA LEU A 543 -8.98 -15.80 24.35
C LEU A 543 -9.01 -16.71 23.16
N ILE A 544 -7.95 -17.44 22.94
CA ILE A 544 -7.98 -18.30 21.79
C ILE A 544 -9.09 -19.35 21.93
N THR A 545 -9.36 -19.82 23.17
CA THR A 545 -10.43 -20.85 23.43
C THR A 545 -11.86 -20.31 23.05
N LYS A 546 -12.11 -19.10 23.53
CA LYS A 546 -13.37 -18.42 23.24
C LYS A 546 -13.60 -18.34 21.71
N LEU A 547 -12.54 -18.00 20.98
CA LEU A 547 -12.57 -17.89 19.52
C LEU A 547 -12.88 -19.20 18.85
N HIS A 548 -12.22 -20.27 19.22
CA HIS A 548 -12.54 -21.54 18.54
C HIS A 548 -13.96 -22.03 18.84
N SER A 549 -14.39 -21.83 20.10
CA SER A 549 -15.68 -22.20 20.68
C SER A 549 -16.76 -21.57 19.85
N HIS A 550 -16.54 -20.31 19.56
CA HIS A 550 -17.54 -19.70 18.75
C HIS A 550 -17.42 -19.94 17.28
N PHE A 551 -16.23 -20.26 16.69
CA PHE A 551 -16.20 -20.42 15.21
C PHE A 551 -15.70 -21.70 14.66
N SER A 552 -15.02 -22.48 15.46
CA SER A 552 -14.49 -23.73 14.93
C SER A 552 -15.56 -24.71 14.48
N LYS A 553 -15.62 -24.96 13.18
CA LYS A 553 -16.57 -25.83 12.47
C LYS A 553 -17.90 -25.12 12.46
N LYS A 554 -17.91 -23.89 12.93
CA LYS A 554 -19.14 -23.16 12.98
C LYS A 554 -19.20 -22.03 11.97
N ASN A 555 -18.10 -21.37 11.70
CA ASN A 555 -18.11 -20.32 10.72
C ASN A 555 -17.26 -20.77 9.55
N ALA A 556 -17.79 -20.75 8.36
CA ALA A 556 -17.06 -21.20 7.17
C ALA A 556 -15.73 -20.52 6.76
N LYS A 557 -15.43 -19.34 7.28
CA LYS A 557 -14.22 -18.60 6.96
C LYS A 557 -13.24 -18.78 8.08
N TYR A 558 -13.52 -19.66 9.04
CA TYR A 558 -12.59 -19.81 10.12
C TYR A 558 -11.99 -21.17 10.18
N GLU A 559 -10.83 -21.25 10.79
CA GLU A 559 -10.25 -22.55 10.90
C GLU A 559 -9.47 -22.72 12.14
N GLU A 560 -9.74 -23.83 12.80
CA GLU A 560 -8.99 -24.13 14.01
C GLU A 560 -7.89 -25.11 13.58
N PRO A 561 -6.65 -24.78 13.95
CA PRO A 561 -5.54 -25.60 13.58
C PRO A 561 -5.56 -27.00 14.16
N ARG A 562 -5.02 -27.90 13.40
CA ARG A 562 -4.96 -29.27 13.82
C ARG A 562 -4.10 -29.44 15.05
N PHE A 563 -3.03 -28.70 15.18
CA PHE A 563 -2.23 -28.91 16.36
C PHE A 563 -1.85 -27.63 17.07
N SER A 564 -1.59 -26.49 16.37
CA SER A 564 -1.21 -25.28 17.16
C SER A 564 -2.37 -24.98 18.10
N LYS A 565 -2.06 -24.41 19.25
CA LYS A 565 -3.04 -24.02 20.29
C LYS A 565 -3.00 -22.52 20.45
N THR A 566 -2.23 -21.81 19.60
CA THR A 566 -2.14 -20.35 19.79
C THR A 566 -2.49 -19.57 18.57
N GLU A 567 -2.91 -20.30 17.53
CA GLU A 567 -3.27 -19.68 16.25
C GLU A 567 -4.62 -20.09 15.70
N PHE A 568 -5.10 -19.28 14.77
CA PHE A 568 -6.34 -19.58 14.13
C PHE A 568 -6.27 -19.02 12.77
N GLY A 569 -7.04 -19.57 11.87
CA GLY A 569 -6.98 -19.07 10.53
C GLY A 569 -8.23 -18.47 9.96
N VAL A 570 -8.00 -17.42 9.19
CA VAL A 570 -9.05 -16.68 8.51
C VAL A 570 -8.95 -16.76 7.01
N THR A 571 -10.03 -17.14 6.35
CA THR A 571 -10.02 -17.21 4.91
C THR A 571 -10.33 -15.85 4.36
N HIS A 572 -9.29 -15.22 3.88
CA HIS A 572 -9.49 -13.93 3.34
C HIS A 572 -9.63 -13.91 1.83
N TYR A 573 -9.74 -12.67 1.28
CA TYR A 573 -9.87 -12.48 -0.17
C TYR A 573 -8.63 -13.12 -0.87
N ALA A 574 -7.46 -12.77 -0.30
CA ALA A 574 -6.10 -13.14 -0.64
C ALA A 574 -5.87 -14.63 -0.48
N GLY A 575 -6.63 -15.20 0.44
CA GLY A 575 -6.56 -16.61 0.77
C GLY A 575 -6.41 -16.77 2.28
N GLN A 576 -6.15 -17.98 2.74
CA GLN A 576 -6.01 -18.15 4.16
C GLN A 576 -4.80 -17.56 4.82
N VAL A 577 -5.05 -16.94 5.95
CA VAL A 577 -3.98 -16.36 6.69
C VAL A 577 -4.09 -16.92 8.08
N MET A 578 -3.00 -17.39 8.61
CA MET A 578 -3.00 -17.94 9.94
C MET A 578 -2.51 -16.90 10.94
N TYR A 579 -3.30 -16.65 11.99
CA TYR A 579 -2.90 -15.71 13.01
C TYR A 579 -2.52 -16.37 14.32
N GLU A 580 -1.69 -15.67 15.08
CA GLU A 580 -1.18 -16.04 16.37
C GLU A 580 -1.67 -15.01 17.36
N ILE A 581 -2.12 -15.54 18.45
CA ILE A 581 -2.69 -14.80 19.51
C ILE A 581 -1.89 -14.16 20.54
N GLN A 582 -0.61 -14.46 20.64
CA GLN A 582 0.20 -13.84 21.69
C GLN A 582 0.06 -12.34 21.82
N ASP A 583 -0.08 -11.87 23.07
CA ASP A 583 -0.21 -10.46 23.44
C ASP A 583 -1.38 -9.70 22.89
N TRP A 584 -2.33 -10.38 22.29
CA TRP A 584 -3.47 -9.63 21.77
C TRP A 584 -4.18 -8.87 22.90
N LEU A 585 -4.28 -9.48 24.07
CA LEU A 585 -4.97 -8.78 25.16
C LEU A 585 -4.35 -7.45 25.51
N GLU A 586 -3.03 -7.49 25.63
CA GLU A 586 -2.23 -6.34 25.96
C GLU A 586 -2.26 -5.33 24.89
N LYS A 587 -2.14 -5.83 23.65
CA LYS A 587 -2.19 -4.92 22.52
C LYS A 587 -3.54 -4.18 22.44
N ASN A 588 -4.64 -4.88 22.75
CA ASN A 588 -5.96 -4.28 22.67
C ASN A 588 -6.19 -3.20 23.69
N LYS A 589 -5.49 -3.35 24.80
CA LYS A 589 -5.59 -2.40 25.89
C LYS A 589 -4.54 -1.32 25.78
N ASP A 590 -3.37 -1.70 25.29
CA ASP A 590 -2.29 -0.75 25.16
C ASP A 590 -2.07 0.01 26.44
N PRO A 591 -1.95 -0.75 27.53
CA PRO A 591 -1.78 -0.21 28.87
C PRO A 591 -0.50 0.54 29.19
N LEU A 592 -0.67 1.58 29.99
CA LEU A 592 0.38 2.43 30.49
C LEU A 592 0.08 2.80 31.96
N GLN A 593 0.92 2.43 32.94
CA GLN A 593 0.76 2.74 34.34
C GLN A 593 0.35 4.22 34.54
N GLN A 594 -0.69 4.47 35.34
CA GLN A 594 -1.16 5.83 35.58
C GLN A 594 -0.12 6.70 36.25
N ASP A 595 0.70 6.06 37.08
CA ASP A 595 1.70 6.88 37.72
C ASP A 595 2.62 7.47 36.67
N LEU A 596 2.77 6.71 35.60
CA LEU A 596 3.60 7.15 34.51
C LEU A 596 3.03 8.43 33.90
N GLU A 597 1.76 8.39 33.56
CA GLU A 597 1.10 9.53 33.00
C GLU A 597 1.19 10.67 33.97
N LEU A 598 1.02 10.32 35.23
CA LEU A 598 1.08 11.31 36.27
C LEU A 598 2.40 12.02 36.21
N CYS A 599 3.45 11.22 36.28
CA CYS A 599 4.81 11.71 36.22
C CYS A 599 4.97 12.66 35.02
N PHE A 600 4.74 12.15 33.84
CA PHE A 600 4.87 12.95 32.63
C PHE A 600 3.95 14.15 32.49
N LYS A 601 2.77 14.16 33.13
CA LYS A 601 1.84 15.29 33.02
C LYS A 601 2.38 16.59 33.65
N ASP A 602 3.31 16.47 34.57
CA ASP A 602 3.84 17.65 35.20
C ASP A 602 5.04 18.21 34.49
N SER A 603 5.51 17.46 33.50
CA SER A 603 6.68 17.78 32.70
C SER A 603 6.93 19.25 32.48
N SER A 604 8.17 19.65 32.77
CA SER A 604 8.54 21.02 32.56
C SER A 604 8.54 21.37 31.07
N ASP A 605 8.61 20.37 30.20
CA ASP A 605 8.63 20.61 28.77
C ASP A 605 7.28 20.88 28.17
N ASN A 606 7.23 21.95 27.37
CA ASN A 606 6.03 22.39 26.69
C ASN A 606 5.54 21.46 25.63
N VAL A 607 6.38 20.53 25.25
CA VAL A 607 5.93 19.61 24.23
C VAL A 607 5.48 18.38 24.93
N VAL A 608 6.21 18.01 26.00
CA VAL A 608 5.87 16.82 26.78
C VAL A 608 4.48 16.88 27.42
N THR A 609 4.21 18.04 28.01
CA THR A 609 2.96 18.29 28.66
C THR A 609 1.81 18.07 27.68
N LYS A 610 2.01 18.40 26.42
CA LYS A 610 0.90 18.16 25.55
C LYS A 610 0.55 16.70 25.34
N LEU A 611 1.58 15.91 25.16
CA LEU A 611 1.40 14.49 24.91
C LEU A 611 0.59 13.78 25.95
N PHE A 612 0.68 14.32 27.14
CA PHE A 612 0.01 13.77 28.28
C PHE A 612 -1.18 14.51 28.74
N ASN A 613 -1.21 15.81 28.51
CA ASN A 613 -2.34 16.59 28.96
C ASN A 613 -3.40 16.84 27.93
N ASP A 614 -3.14 16.36 26.74
CA ASP A 614 -4.10 16.54 25.67
C ASP A 614 -4.85 15.23 25.42
N PRO A 615 -6.13 15.27 25.72
CA PRO A 615 -7.01 14.14 25.57
C PRO A 615 -7.11 13.65 24.17
N ASN A 616 -6.73 14.53 23.23
CA ASN A 616 -6.79 14.20 21.82
C ASN A 616 -5.59 13.38 21.40
N ILE A 617 -4.59 13.48 22.24
CA ILE A 617 -3.34 12.81 22.08
C ILE A 617 -3.15 11.68 23.11
N ALA A 618 -3.34 12.00 24.33
CA ALA A 618 -3.13 11.00 25.31
C ALA A 618 -4.16 9.88 25.48
N SER A 619 -5.36 10.01 24.85
CA SER A 619 -6.44 9.01 25.00
C SER A 619 -7.21 8.66 23.76
N ARG A 620 -7.71 7.42 23.74
CA ARG A 620 -8.47 6.96 22.60
C ARG A 620 -9.86 7.53 22.41
N ALA A 621 -10.53 7.77 23.51
CA ALA A 621 -11.87 8.26 23.40
C ALA A 621 -12.06 9.73 23.82
N PHE A 627 -11.32 4.91 27.19
CA PHE A 627 -12.45 3.98 27.25
C PHE A 627 -12.51 2.94 26.12
N ILE A 628 -12.30 3.33 24.87
CA ILE A 628 -12.38 2.34 23.82
C ILE A 628 -11.09 1.61 23.68
N THR A 629 -11.18 0.41 23.13
CA THR A 629 -10.01 -0.41 22.94
C THR A 629 -9.30 -0.08 21.61
N VAL A 630 -8.13 -0.65 21.43
CA VAL A 630 -7.45 -0.39 20.19
C VAL A 630 -8.30 -0.93 19.03
N ALA A 631 -8.81 -2.15 19.21
CA ALA A 631 -9.64 -2.70 18.13
C ALA A 631 -10.88 -1.88 17.72
N ALA A 632 -11.51 -1.28 18.73
CA ALA A 632 -12.71 -0.45 18.60
C ALA A 632 -12.31 0.81 17.89
N GLN A 633 -11.15 1.28 18.25
CA GLN A 633 -10.70 2.48 17.56
C GLN A 633 -10.35 2.18 16.08
N TYR A 634 -9.78 1.03 15.82
CA TYR A 634 -9.42 0.66 14.49
C TYR A 634 -10.64 0.54 13.63
N LYS A 635 -11.67 -0.09 14.17
CA LYS A 635 -12.92 -0.28 13.41
C LYS A 635 -13.59 1.05 13.01
N GLU A 636 -13.56 1.93 13.97
CA GLU A 636 -14.15 3.21 13.81
C GLU A 636 -13.47 4.02 12.75
N GLN A 637 -12.17 4.09 12.83
CA GLN A 637 -11.38 4.85 11.84
C GLN A 637 -11.48 4.24 10.41
N LEU A 638 -11.64 2.94 10.37
CA LEU A 638 -11.75 2.34 9.10
C LEU A 638 -13.08 2.74 8.49
N ALA A 639 -14.10 2.80 9.32
CA ALA A 639 -15.40 3.17 8.81
C ALA A 639 -15.47 4.58 8.32
N SER A 640 -14.86 5.51 9.10
CA SER A 640 -14.85 6.92 8.70
C SER A 640 -14.14 7.02 7.34
N LEU A 641 -13.07 6.21 7.21
CA LEU A 641 -12.31 6.17 6.00
C LEU A 641 -13.20 5.72 4.88
N MET A 642 -13.85 4.58 5.07
CA MET A 642 -14.67 4.13 4.02
C MET A 642 -15.75 5.07 3.65
N ALA A 643 -16.22 5.74 4.66
CA ALA A 643 -17.28 6.65 4.42
C ALA A 643 -16.87 7.74 3.52
N THR A 644 -15.72 8.26 3.84
CA THR A 644 -15.24 9.34 3.06
C THR A 644 -15.02 8.87 1.63
N LEU A 645 -14.34 7.74 1.51
CA LEU A 645 -14.07 7.23 0.18
C LEU A 645 -15.29 7.08 -0.65
N GLU A 646 -16.32 6.72 0.06
CA GLU A 646 -17.61 6.49 -0.50
C GLU A 646 -18.19 7.69 -1.15
N THR A 647 -17.71 8.84 -0.72
CA THR A 647 -18.22 10.02 -1.34
C THR A 647 -17.32 10.49 -2.50
N THR A 648 -16.26 9.75 -2.89
CA THR A 648 -15.40 10.25 -3.98
C THR A 648 -15.47 9.40 -5.23
N ASN A 649 -14.79 9.89 -6.30
CA ASN A 649 -14.73 9.12 -7.54
C ASN A 649 -13.32 8.51 -7.29
N PRO A 650 -13.18 7.17 -7.10
CA PRO A 650 -11.89 6.64 -6.78
C PRO A 650 -11.05 6.15 -7.93
N HIS A 651 -9.76 6.09 -7.63
CA HIS A 651 -8.81 5.62 -8.59
C HIS A 651 -7.85 4.65 -7.88
N PHE A 652 -7.63 3.51 -8.54
CA PHE A 652 -6.80 2.43 -8.03
C PHE A 652 -5.45 2.14 -8.69
N VAL A 653 -4.41 2.23 -7.89
CA VAL A 653 -3.04 1.97 -8.31
C VAL A 653 -2.50 0.76 -7.52
N ARG A 654 -2.14 -0.31 -8.23
CA ARG A 654 -1.60 -1.51 -7.61
C ARG A 654 -0.05 -1.56 -7.81
N CYS A 655 0.71 -1.29 -6.75
CA CYS A 655 2.19 -1.33 -6.78
C CYS A 655 2.67 -2.78 -6.58
N ILE A 656 3.42 -3.28 -7.57
CA ILE A 656 3.97 -4.63 -7.60
C ILE A 656 5.50 -4.73 -7.41
N ILE A 657 5.99 -5.55 -6.47
CA ILE A 657 7.42 -5.77 -6.22
C ILE A 657 7.82 -6.84 -7.30
N PRO A 658 8.93 -6.65 -8.10
CA PRO A 658 9.23 -7.67 -9.14
C PRO A 658 9.92 -8.92 -8.59
N ASN A 659 10.61 -8.80 -7.44
CA ASN A 659 11.30 -9.93 -6.80
C ASN A 659 11.52 -9.57 -5.37
N ASN A 660 12.12 -10.47 -4.64
CA ASN A 660 12.40 -10.22 -3.22
C ASN A 660 13.84 -9.83 -2.96
N LYS A 661 14.54 -9.51 -4.01
CA LYS A 661 15.93 -9.15 -3.82
C LYS A 661 16.25 -7.69 -4.01
N GLN A 662 15.26 -6.87 -4.34
CA GLN A 662 15.61 -5.46 -4.51
C GLN A 662 16.56 -5.18 -5.68
N LEU A 663 16.40 -5.99 -6.72
CA LEU A 663 17.18 -5.95 -7.94
C LEU A 663 16.40 -5.58 -9.21
N PRO A 664 17.08 -4.92 -10.20
CA PRO A 664 16.41 -4.58 -11.44
C PRO A 664 16.56 -5.75 -12.40
N ALA A 665 15.87 -5.59 -13.49
CA ALA A 665 15.88 -6.57 -14.54
C ALA A 665 15.68 -7.99 -14.05
N LYS A 666 14.99 -8.06 -12.93
CA LYS A 666 14.72 -9.35 -12.31
C LYS A 666 13.20 -9.53 -11.98
N LEU A 667 12.38 -9.87 -12.95
CA LEU A 667 10.94 -10.06 -12.83
C LEU A 667 10.58 -11.52 -12.79
N GLU A 668 10.35 -11.93 -11.54
CA GLU A 668 10.00 -13.30 -11.17
C GLU A 668 8.53 -13.63 -11.23
N ASP A 669 8.17 -14.49 -12.19
CA ASP A 669 6.80 -14.92 -12.37
C ASP A 669 6.04 -15.24 -11.10
N LYS A 670 6.56 -16.12 -10.26
CA LYS A 670 5.91 -16.49 -9.01
C LYS A 670 5.65 -15.30 -8.11
N VAL A 671 6.70 -14.52 -7.88
CA VAL A 671 6.61 -13.34 -7.05
C VAL A 671 5.47 -12.46 -7.60
N VAL A 672 5.51 -12.18 -8.87
CA VAL A 672 4.51 -11.35 -9.50
C VAL A 672 3.11 -11.90 -9.45
N LEU A 673 2.94 -13.13 -9.95
CA LEU A 673 1.64 -13.83 -10.00
C LEU A 673 0.91 -13.84 -8.67
N ASP A 674 1.70 -14.08 -7.66
CA ASP A 674 1.09 -14.07 -6.37
C ASP A 674 0.47 -12.72 -6.07
N GLN A 675 1.15 -11.63 -6.38
CA GLN A 675 0.54 -10.34 -6.11
C GLN A 675 -0.65 -10.05 -6.99
N LEU A 676 -0.65 -10.54 -8.20
CA LEU A 676 -1.77 -10.26 -9.06
C LEU A 676 -2.99 -11.01 -8.64
N ARG A 677 -2.78 -12.12 -7.93
CA ARG A 677 -3.92 -12.88 -7.46
C ARG A 677 -4.51 -12.21 -6.22
N CYS A 678 -3.61 -11.76 -5.32
CA CYS A 678 -4.02 -11.11 -4.07
C CYS A 678 -4.57 -9.78 -4.19
N ASN A 679 -4.04 -9.02 -5.12
CA ASN A 679 -4.49 -7.68 -5.27
C ASN A 679 -5.74 -7.40 -6.09
N GLY A 680 -6.41 -8.44 -6.57
CA GLY A 680 -7.60 -8.17 -7.34
C GLY A 680 -7.43 -7.96 -8.85
N VAL A 681 -6.22 -7.82 -9.38
CA VAL A 681 -6.04 -7.61 -10.83
C VAL A 681 -6.51 -8.82 -11.68
N LEU A 682 -6.03 -9.96 -11.28
CA LEU A 682 -6.41 -11.17 -12.04
C LEU A 682 -7.92 -11.49 -11.93
N GLU A 683 -8.50 -11.20 -10.70
CA GLU A 683 -9.94 -11.41 -10.40
C GLU A 683 -10.71 -10.52 -11.31
N GLY A 684 -10.34 -9.21 -11.35
CA GLY A 684 -11.01 -8.26 -12.25
C GLY A 684 -10.95 -8.77 -13.70
N ILE A 685 -9.87 -9.46 -14.01
CA ILE A 685 -9.76 -9.95 -15.36
C ILE A 685 -10.66 -11.12 -15.69
N ARG A 686 -10.56 -12.16 -14.86
CA ARG A 686 -11.36 -13.36 -15.04
C ARG A 686 -12.80 -12.97 -15.22
N ILE A 687 -13.23 -12.05 -14.37
CA ILE A 687 -14.58 -11.52 -14.40
C ILE A 687 -14.87 -10.91 -15.76
N THR A 688 -14.13 -9.87 -16.07
CA THR A 688 -14.30 -9.21 -17.35
C THR A 688 -14.21 -10.24 -18.52
N ARG A 689 -13.32 -11.23 -18.36
CA ARG A 689 -13.09 -12.27 -19.34
C ARG A 689 -14.40 -12.96 -19.75
N LYS A 690 -15.32 -13.12 -18.80
CA LYS A 690 -16.60 -13.76 -19.10
C LYS A 690 -17.55 -12.94 -19.94
N GLY A 691 -17.36 -11.63 -19.93
CA GLY A 691 -18.22 -10.73 -20.67
C GLY A 691 -17.84 -10.52 -22.13
N PHE A 692 -17.66 -9.24 -22.38
CA PHE A 692 -17.28 -8.67 -23.65
C PHE A 692 -16.19 -7.66 -23.31
N PRO A 693 -14.99 -8.24 -23.12
CA PRO A 693 -13.76 -7.56 -22.74
C PRO A 693 -13.14 -6.57 -23.71
N ASN A 694 -13.31 -6.86 -25.01
CA ASN A 694 -12.78 -6.05 -26.10
C ASN A 694 -13.91 -5.23 -26.63
N ARG A 695 -13.73 -3.94 -26.46
CA ARG A 695 -14.70 -2.93 -26.84
C ARG A 695 -13.96 -1.94 -27.71
N ILE A 696 -14.10 -2.14 -29.00
CA ILE A 696 -13.41 -1.28 -29.95
C ILE A 696 -14.26 -0.26 -30.67
N ILE A 697 -13.64 0.90 -30.97
CA ILE A 697 -14.24 2.03 -31.71
C ILE A 697 -14.25 1.68 -33.21
N TYR A 698 -15.43 1.87 -33.83
CA TYR A 698 -15.70 1.61 -35.23
C TYR A 698 -14.60 2.02 -36.18
N ALA A 699 -14.22 3.31 -36.09
CA ALA A 699 -13.15 3.90 -36.91
C ALA A 699 -11.86 3.06 -36.79
N ASP A 700 -11.36 2.92 -35.55
CA ASP A 700 -10.16 2.15 -35.19
C ASP A 700 -10.21 0.69 -35.69
N PHE A 701 -11.38 0.04 -35.59
CA PHE A 701 -11.52 -1.34 -36.03
C PHE A 701 -11.22 -1.48 -37.52
N VAL A 702 -11.96 -0.69 -38.28
CA VAL A 702 -11.89 -0.63 -39.73
C VAL A 702 -10.50 -0.30 -40.23
N LYS A 703 -9.92 0.74 -39.63
CA LYS A 703 -8.60 1.19 -40.00
C LYS A 703 -7.67 -0.01 -40.05
N ARG A 704 -7.67 -0.81 -39.01
CA ARG A 704 -6.80 -1.95 -39.03
C ARG A 704 -7.26 -3.18 -39.78
N TYR A 705 -8.55 -3.38 -39.92
CA TYR A 705 -8.93 -4.59 -40.63
C TYR A 705 -9.68 -4.46 -41.92
N TYR A 706 -9.79 -3.26 -42.48
CA TYR A 706 -10.51 -3.06 -43.72
C TYR A 706 -10.09 -4.06 -44.81
N LEU A 707 -8.78 -4.26 -44.82
CA LEU A 707 -8.07 -5.15 -45.71
C LEU A 707 -8.62 -6.57 -45.71
N LEU A 708 -9.20 -7.00 -44.57
CA LEU A 708 -9.78 -8.33 -44.37
C LEU A 708 -10.98 -8.57 -45.22
N ALA A 709 -11.51 -7.49 -45.75
CA ALA A 709 -12.65 -7.66 -46.58
C ALA A 709 -12.56 -6.80 -47.81
N PRO A 710 -13.26 -7.34 -48.78
CA PRO A 710 -13.36 -6.73 -50.05
C PRO A 710 -14.34 -5.57 -49.98
N ASN A 711 -13.84 -4.45 -50.46
CA ASN A 711 -14.54 -3.20 -50.56
C ASN A 711 -14.54 -2.21 -49.42
N VAL A 712 -13.72 -2.48 -48.38
CA VAL A 712 -13.64 -1.58 -47.23
C VAL A 712 -12.36 -0.75 -47.19
N PRO A 713 -12.52 0.58 -47.27
CA PRO A 713 -11.42 1.51 -47.23
C PRO A 713 -11.21 1.87 -45.76
N ARG A 714 -9.93 1.90 -45.41
CA ARG A 714 -9.45 2.20 -44.09
C ARG A 714 -10.26 3.32 -43.48
N ASP A 715 -10.41 4.33 -44.30
CA ASP A 715 -11.17 5.50 -43.96
C ASP A 715 -12.53 5.37 -44.63
N ALA A 716 -13.51 5.05 -43.82
CA ALA A 716 -14.84 4.92 -44.32
C ALA A 716 -15.69 5.79 -43.42
N GLU A 717 -16.61 6.55 -43.99
CA GLU A 717 -17.43 7.39 -43.14
C GLU A 717 -18.40 6.61 -42.24
N ASP A 718 -18.89 5.44 -42.71
CA ASP A 718 -19.82 4.61 -41.93
C ASP A 718 -19.13 3.40 -41.29
N SER A 719 -18.26 3.75 -40.35
CA SER A 719 -17.46 2.82 -39.60
C SER A 719 -18.26 1.61 -39.14
N GLN A 720 -19.43 1.85 -38.52
CA GLN A 720 -20.25 0.76 -38.03
C GLN A 720 -20.60 -0.20 -39.16
N LYS A 721 -20.98 0.39 -40.29
CA LYS A 721 -21.32 -0.39 -41.46
C LYS A 721 -20.13 -1.21 -41.92
N ALA A 722 -19.00 -0.53 -42.08
CA ALA A 722 -17.78 -1.19 -42.51
C ALA A 722 -17.39 -2.35 -41.57
N THR A 723 -17.57 -2.13 -40.26
CA THR A 723 -17.27 -3.09 -39.22
C THR A 723 -18.07 -4.34 -39.52
N ASP A 724 -19.35 -4.13 -39.75
CA ASP A 724 -20.29 -5.19 -40.06
C ASP A 724 -19.84 -5.93 -41.33
N ALA A 725 -19.23 -5.16 -42.23
CA ALA A 725 -18.74 -5.68 -43.48
C ALA A 725 -17.73 -6.81 -43.29
N VAL A 726 -16.68 -6.47 -42.57
CA VAL A 726 -15.61 -7.39 -42.28
C VAL A 726 -16.10 -8.65 -41.57
N LEU A 727 -16.87 -8.41 -40.50
CA LEU A 727 -17.44 -9.45 -39.66
C LEU A 727 -18.30 -10.37 -40.48
N LYS A 728 -19.02 -9.74 -41.39
CA LYS A 728 -19.89 -10.44 -42.30
C LYS A 728 -19.04 -11.20 -43.33
N HIS A 729 -18.06 -10.50 -43.91
CA HIS A 729 -17.16 -11.10 -44.89
C HIS A 729 -16.51 -12.33 -44.29
N LEU A 730 -15.89 -12.10 -43.14
CA LEU A 730 -15.22 -13.12 -42.36
C LEU A 730 -16.22 -14.20 -41.90
N ASN A 731 -17.52 -13.83 -41.80
CA ASN A 731 -18.61 -14.73 -41.37
C ASN A 731 -18.43 -15.07 -39.89
N ILE A 732 -18.12 -14.06 -39.09
CA ILE A 732 -17.95 -14.27 -37.67
C ILE A 732 -19.29 -14.66 -37.02
N ASP A 733 -19.23 -15.35 -35.88
CA ASP A 733 -20.45 -15.75 -35.18
C ASP A 733 -20.93 -14.53 -34.38
N PRO A 734 -22.14 -14.06 -34.74
CA PRO A 734 -22.79 -12.91 -34.12
C PRO A 734 -22.89 -12.98 -32.60
N GLU A 735 -22.84 -14.20 -32.05
CA GLU A 735 -22.91 -14.38 -30.61
C GLU A 735 -21.63 -13.85 -29.98
N GLN A 736 -20.52 -13.91 -30.75
CA GLN A 736 -19.21 -13.46 -30.31
C GLN A 736 -18.96 -11.97 -30.28
N TYR A 737 -19.70 -11.22 -31.06
CA TYR A 737 -19.55 -9.78 -31.11
C TYR A 737 -20.85 -9.04 -30.75
N ARG A 738 -20.75 -7.77 -30.40
CA ARG A 738 -21.96 -7.06 -30.02
C ARG A 738 -21.93 -5.58 -30.40
N PHE A 739 -22.84 -5.20 -31.29
CA PHE A 739 -22.91 -3.81 -31.77
C PHE A 739 -23.24 -2.76 -30.70
N GLY A 740 -22.27 -1.90 -30.39
CA GLY A 740 -22.55 -0.89 -29.41
C GLY A 740 -22.80 0.43 -30.13
N ILE A 741 -23.44 1.36 -29.45
CA ILE A 741 -23.74 2.67 -30.02
C ILE A 741 -22.52 3.32 -30.69
N THR A 742 -21.31 3.02 -30.19
CA THR A 742 -20.06 3.59 -30.69
C THR A 742 -18.91 2.62 -30.84
N LYS A 743 -18.93 1.50 -30.12
CA LYS A 743 -17.86 0.52 -30.21
C LYS A 743 -18.42 -0.83 -30.48
N ILE A 744 -17.54 -1.65 -31.02
CA ILE A 744 -17.89 -3.03 -31.31
C ILE A 744 -17.32 -3.78 -30.08
N PHE A 745 -18.15 -4.61 -29.42
CA PHE A 745 -17.75 -5.39 -28.25
C PHE A 745 -17.50 -6.81 -28.69
N PHE A 746 -16.31 -7.33 -28.34
CA PHE A 746 -15.92 -8.69 -28.68
C PHE A 746 -15.68 -9.50 -27.50
N ARG A 747 -16.13 -10.76 -27.59
CA ARG A 747 -15.94 -11.74 -26.56
C ARG A 747 -14.48 -12.14 -26.74
N ALA A 748 -13.99 -12.79 -25.69
CA ALA A 748 -12.65 -13.31 -25.55
C ALA A 748 -12.29 -14.24 -26.66
N GLY A 749 -11.10 -14.07 -27.24
CA GLY A 749 -10.63 -14.93 -28.33
C GLY A 749 -11.03 -14.46 -29.72
N GLN A 750 -12.15 -13.76 -29.77
CA GLN A 750 -12.65 -13.26 -31.03
C GLN A 750 -11.68 -12.39 -31.84
N LEU A 751 -11.27 -11.28 -31.26
CA LEU A 751 -10.37 -10.34 -31.86
C LEU A 751 -9.14 -11.08 -32.33
N ALA A 752 -8.72 -12.01 -31.51
CA ALA A 752 -7.55 -12.77 -31.82
C ALA A 752 -7.65 -13.49 -33.16
N ARG A 753 -8.66 -14.34 -33.27
CA ARG A 753 -8.79 -15.05 -34.51
C ARG A 753 -8.92 -14.12 -35.68
N ILE A 754 -9.56 -13.00 -35.40
CA ILE A 754 -9.79 -11.98 -36.39
C ILE A 754 -8.48 -11.52 -36.90
N GLU A 755 -7.69 -11.14 -35.91
CA GLU A 755 -6.36 -10.64 -36.10
C GLU A 755 -5.59 -11.65 -36.90
N GLU A 756 -5.89 -12.91 -36.57
CA GLU A 756 -5.29 -14.08 -37.17
C GLU A 756 -5.75 -14.38 -38.60
N ALA A 757 -6.66 -13.55 -39.14
CA ALA A 757 -7.24 -13.66 -40.49
C ALA A 757 -6.28 -13.25 -41.62
N ARG A 758 -6.64 -13.61 -42.85
CA ARG A 758 -5.82 -13.33 -44.03
C ARG A 758 -6.23 -12.11 -44.84
N GLU A 759 -5.23 -11.30 -45.21
CA GLU A 759 -5.43 -10.09 -46.00
C GLU A 759 -5.83 -10.47 -47.43
#